data_4XWM
#
_entry.id   4XWM
#
_cell.length_a   109.140
_cell.length_b   109.140
_cell.length_c   182.145
_cell.angle_alpha   90.000
_cell.angle_beta   90.000
_cell.angle_gamma   90.000
#
_symmetry.space_group_name_H-M   'P 41 21 2'
#
loop_
_entity.id
_entity.type
_entity.pdbx_description
1 polymer 'Exoglucanase S'
2 branched beta-D-glucopyranose-(1-4)-alpha-D-glucopyranose
3 branched beta-D-glucopyranose-(1-4)-beta-D-glucopyranose
4 non-polymer 1,2-ETHANEDIOL
5 non-polymer 'CALCIUM ION'
6 water water
#
_entity_poly.entity_id   1
_entity_poly.type   'polypeptide(L)'
_entity_poly.pdbx_seq_one_letter_code
;MGSSHHHHHHSSGLVPRGSHMASMTGGQQMGRIEGREFAAPVVPNNEYVQHFKDMYAKIHNANNGYFSDEGIPYHAVETL
MVEAPDYGHETTSEAFSYYMWLEAMNAKLTGDFSGFKKAWDVTEKYIIPGETDQPSASMSNYDPNKPATYAAEHPDPSMY
PSQLQFGAAVGKDPLYNELKSTYGTSQVYGMHWLLDVDNWYGFGGATSTSPVYINTFQRGVQESCWETVPQPCKDEMKYG
GRNGFLDLFTGDSQYATQFKYTNAPDADARAVQATYYAQLAAKEWGVDISSYVAKSTKMGDFLRYSFFDKYFRKVGNSTQ
AGTGYDSAQYLLNWYYAWGGGISSNWSWRIGSSHNHFGYQNPMAAWILSNTSDFKPKSPNAATDWNNSLKRQIEFYQWLQ
SAEGGIAGGASNSNGGSYQAWPAGTRTFYGMGYTPHPVYEDPGSNEWFGMQAWSMQRVAEYYYSSKDPAAKSLLDKWAKW
ACANVQFDDAAKKFKIPAKLVWTGQPDTWTGSYTGNSNLHVKVEAYGEDLGVAGSLSNALSYYAKALESSTDAADKVAYN
TAKETSRKILDYLWASYQDDKGIAVTETRNDFKRFNQSVYIPSGWTGKMPNGDVIQSGATFLSIRSKYKQDPSWPNVEAA
LANGTGVDMTYHRFWGQSDIAIAFGTYGTLFTDPTPGLKGD
;
_entity_poly.pdbx_strand_id   A
#
loop_
_chem_comp.id
_chem_comp.type
_chem_comp.name
_chem_comp.formula
BGC D-saccharide, beta linking beta-D-glucopyranose 'C6 H12 O6'
CA non-polymer 'CALCIUM ION' 'Ca 2'
EDO non-polymer 1,2-ETHANEDIOL 'C2 H6 O2'
GLC D-saccharide, alpha linking alpha-D-glucopyranose 'C6 H12 O6'
#
# COMPACT_ATOMS: atom_id res chain seq x y z
N VAL A 43 -24.71 21.94 -2.37
CA VAL A 43 -23.37 21.52 -1.98
C VAL A 43 -22.90 22.38 -0.81
N PRO A 44 -22.18 21.77 0.17
CA PRO A 44 -21.67 22.54 1.31
C PRO A 44 -20.75 23.67 0.87
N ASN A 45 -20.88 24.82 1.50
CA ASN A 45 -20.00 25.96 1.27
C ASN A 45 -19.53 26.46 2.63
N ASN A 46 -18.44 25.90 3.13
CA ASN A 46 -17.91 26.33 4.41
C ASN A 46 -16.39 26.38 4.29
N GLU A 47 -15.71 26.79 5.37
CA GLU A 47 -14.27 27.01 5.24
C GLU A 47 -13.51 25.72 4.94
N TYR A 48 -14.04 24.58 5.38
CA TYR A 48 -13.31 23.33 5.16
C TYR A 48 -13.40 22.92 3.70
N VAL A 49 -14.55 23.13 3.09
CA VAL A 49 -14.68 22.96 1.65
C VAL A 49 -13.72 23.89 0.91
N GLN A 50 -13.62 25.13 1.36
CA GLN A 50 -12.70 26.08 0.72
C GLN A 50 -11.24 25.64 0.91
N HIS A 51 -10.90 25.11 2.08
CA HIS A 51 -9.54 24.60 2.29
C HIS A 51 -9.23 23.48 1.32
N PHE A 52 -10.19 22.59 1.10
CA PHE A 52 -9.98 21.56 0.08
C PHE A 52 -9.65 22.20 -1.27
N LYS A 53 -10.46 23.16 -1.68
CA LYS A 53 -10.30 23.72 -3.02
C LYS A 53 -8.95 24.42 -3.16
N ASP A 54 -8.52 25.08 -2.09
CA ASP A 54 -7.23 25.77 -2.10
C ASP A 54 -6.08 24.76 -2.19
N MET A 55 -6.17 23.66 -1.44
CA MET A 55 -5.17 22.60 -1.55
C MET A 55 -5.17 21.96 -2.94
N TYR A 56 -6.37 21.70 -3.45
CA TYR A 56 -6.53 21.10 -4.78
C TYR A 56 -5.83 21.98 -5.83
N ALA A 57 -6.05 23.28 -5.73
CA ALA A 57 -5.41 24.22 -6.65
C ALA A 57 -3.89 24.16 -6.52
N LYS A 58 -3.37 24.05 -5.29
CA LYS A 58 -1.92 23.95 -5.12
C LYS A 58 -1.38 22.69 -5.77
N ILE A 59 -2.09 21.57 -5.56
CA ILE A 59 -1.61 20.30 -6.07
C ILE A 59 -1.57 20.31 -7.60
N HIS A 60 -2.53 21.01 -8.21
CA HIS A 60 -2.60 21.02 -9.66
C HIS A 60 -1.85 22.19 -10.31
N ASN A 61 -1.33 23.11 -9.51
CA ASN A 61 -0.59 24.22 -10.11
C ASN A 61 0.74 23.73 -10.66
N ALA A 62 0.98 24.00 -11.94
CA ALA A 62 2.18 23.51 -12.62
C ALA A 62 3.48 23.92 -11.91
N ASN A 63 3.48 25.09 -11.28
CA ASN A 63 4.67 25.57 -10.57
C ASN A 63 5.11 24.64 -9.45
N ASN A 64 4.16 23.93 -8.87
CA ASN A 64 4.47 23.18 -7.67
C ASN A 64 5.07 21.81 -7.93
N GLY A 65 4.95 21.30 -9.16
CA GLY A 65 5.71 20.14 -9.58
C GLY A 65 5.26 18.79 -9.07
N TYR A 66 3.96 18.64 -8.80
CA TYR A 66 3.45 17.35 -8.34
C TYR A 66 3.34 16.31 -9.45
N PHE A 67 3.26 16.73 -10.71
CA PHE A 67 2.96 15.80 -11.81
C PHE A 67 4.04 15.82 -12.89
N SER A 68 4.22 14.66 -13.51
CA SER A 68 5.15 14.54 -14.63
C SER A 68 4.51 15.01 -15.93
N ASP A 69 5.29 14.99 -17.01
CA ASP A 69 4.79 15.36 -18.33
C ASP A 69 3.60 14.50 -18.75
N GLU A 70 3.61 13.24 -18.28
CA GLU A 70 2.54 12.29 -18.59
C GLU A 70 1.28 12.53 -17.77
N GLY A 71 1.37 13.43 -16.79
CA GLY A 71 0.24 13.64 -15.90
C GLY A 71 0.24 12.66 -14.75
N ILE A 72 1.39 12.05 -14.51
CA ILE A 72 1.55 11.07 -13.43
C ILE A 72 1.98 11.74 -12.15
N PRO A 73 1.29 11.46 -11.03
CA PRO A 73 1.75 12.12 -9.81
C PRO A 73 3.03 11.46 -9.30
N TYR A 74 4.02 12.25 -8.91
CA TYR A 74 5.25 11.70 -8.34
C TYR A 74 4.99 11.28 -6.90
N HIS A 75 5.85 10.43 -6.35
CA HIS A 75 5.74 10.12 -4.92
C HIS A 75 5.79 11.41 -4.08
N ALA A 76 6.72 12.29 -4.42
CA ALA A 76 6.85 13.59 -3.75
C ALA A 76 7.36 14.64 -4.72
N VAL A 77 7.12 15.90 -4.43
CA VAL A 77 7.68 16.98 -5.26
C VAL A 77 9.20 16.92 -5.25
N GLU A 78 9.74 16.66 -4.07
CA GLU A 78 11.19 16.60 -3.85
C GLU A 78 11.78 15.29 -4.31
N THR A 79 12.95 15.36 -4.94
CA THR A 79 13.55 14.15 -5.49
C THR A 79 14.38 13.37 -4.47
N LEU A 80 15.08 14.06 -3.57
CA LEU A 80 15.95 13.33 -2.65
C LEU A 80 15.09 12.82 -1.51
N MET A 81 14.74 11.54 -1.60
CA MET A 81 13.69 10.97 -0.79
C MET A 81 13.82 9.45 -0.83
N VAL A 82 13.96 8.83 0.34
CA VAL A 82 14.07 7.38 0.45
C VAL A 82 13.20 6.88 1.59
N GLU A 83 12.23 6.00 1.34
CA GLU A 83 11.44 5.48 2.47
C GLU A 83 10.64 4.21 2.20
N ALA A 84 10.10 4.09 1.00
CA ALA A 84 9.55 2.84 0.49
C ALA A 84 9.91 2.85 -1.01
N PRO A 85 9.44 3.87 -1.77
CA PRO A 85 10.17 4.18 -3.00
C PRO A 85 11.53 4.72 -2.60
N ASP A 86 12.54 4.61 -3.45
CA ASP A 86 13.87 5.07 -3.02
C ASP A 86 14.34 6.30 -3.81
N TYR A 87 13.42 6.91 -4.56
CA TYR A 87 13.67 8.17 -5.25
C TYR A 87 12.34 8.92 -5.33
N GLY A 88 12.36 10.24 -5.12
CA GLY A 88 11.13 11.00 -4.98
C GLY A 88 10.29 11.07 -6.24
N HIS A 89 10.94 10.96 -7.40
CA HIS A 89 10.19 10.96 -8.65
C HIS A 89 9.99 9.58 -9.26
N GLU A 90 10.20 8.55 -8.45
CA GLU A 90 9.43 7.33 -8.70
C GLU A 90 8.00 7.66 -8.34
N THR A 91 7.06 6.78 -8.66
CA THR A 91 5.77 6.87 -8.02
C THR A 91 5.25 5.47 -7.75
N THR A 92 4.08 5.41 -7.13
CA THR A 92 3.55 4.15 -6.64
C THR A 92 2.12 3.99 -7.08
N SER A 93 1.63 2.75 -7.07
CA SER A 93 0.20 2.53 -7.30
C SER A 93 -0.60 3.22 -6.19
N GLU A 94 0.00 3.33 -5.01
CA GLU A 94 -0.54 4.11 -3.91
C GLU A 94 -0.84 5.54 -4.33
N ALA A 95 0.13 6.20 -4.96
CA ALA A 95 -0.08 7.57 -5.42
C ALA A 95 -1.20 7.67 -6.46
N PHE A 96 -1.26 6.72 -7.38
CA PHE A 96 -2.36 6.73 -8.34
C PHE A 96 -3.72 6.60 -7.64
N SER A 97 -3.81 5.74 -6.63
CA SER A 97 -5.08 5.56 -5.93
C SER A 97 -5.45 6.84 -5.15
N TYR A 98 -4.46 7.53 -4.60
CA TYR A 98 -4.73 8.79 -3.92
C TYR A 98 -5.15 9.87 -4.91
N TYR A 99 -4.58 9.82 -6.12
CA TYR A 99 -4.96 10.76 -7.17
C TYR A 99 -6.46 10.57 -7.50
N MET A 100 -6.87 9.32 -7.69
CA MET A 100 -8.29 9.02 -7.88
C MET A 100 -9.15 9.60 -6.75
N TRP A 101 -8.67 9.42 -5.52
CA TRP A 101 -9.44 9.82 -4.34
C TRP A 101 -9.56 11.35 -4.28
N LEU A 102 -8.44 12.03 -4.54
CA LEU A 102 -8.42 13.49 -4.57
C LEU A 102 -9.41 14.01 -5.59
N GLU A 103 -9.37 13.41 -6.78
CA GLU A 103 -10.27 13.86 -7.85
C GLU A 103 -11.73 13.51 -7.59
N ALA A 104 -11.96 12.40 -6.89
CA ALA A 104 -13.33 12.04 -6.50
C ALA A 104 -13.90 13.08 -5.56
N MET A 105 -13.09 13.52 -4.59
CA MET A 105 -13.54 14.57 -3.68
C MET A 105 -13.79 15.88 -4.45
N ASN A 106 -12.91 16.21 -5.39
CA ASN A 106 -13.14 17.41 -6.16
C ASN A 106 -14.46 17.33 -6.95
N ALA A 107 -14.73 16.16 -7.52
CA ALA A 107 -15.99 15.99 -8.26
C ALA A 107 -17.20 16.14 -7.33
N LYS A 108 -17.12 15.56 -6.14
CA LYS A 108 -18.17 15.69 -5.13
C LYS A 108 -18.50 17.16 -4.84
N LEU A 109 -17.46 17.97 -4.68
CA LEU A 109 -17.62 19.37 -4.27
C LEU A 109 -17.93 20.32 -5.44
N THR A 110 -17.55 19.94 -6.66
CA THR A 110 -17.68 20.88 -7.79
C THR A 110 -18.57 20.42 -8.92
N GLY A 111 -18.79 19.11 -9.02
CA GLY A 111 -19.56 18.56 -10.13
C GLY A 111 -18.74 18.35 -11.38
N ASP A 112 -17.43 18.63 -11.30
CA ASP A 112 -16.52 18.47 -12.44
C ASP A 112 -15.81 17.12 -12.33
N PHE A 113 -16.11 16.22 -13.26
CA PHE A 113 -15.55 14.86 -13.18
C PHE A 113 -14.38 14.66 -14.14
N SER A 114 -13.99 15.72 -14.84
CA SER A 114 -12.92 15.59 -15.83
C SER A 114 -11.61 15.12 -15.19
N GLY A 115 -11.30 15.64 -13.99
CA GLY A 115 -10.07 15.27 -13.31
C GLY A 115 -10.05 13.82 -12.87
N PHE A 116 -11.21 13.33 -12.45
CA PHE A 116 -11.34 11.94 -12.02
C PHE A 116 -11.12 11.00 -13.20
N LYS A 117 -11.77 11.30 -14.33
CA LYS A 117 -11.57 10.49 -15.52
C LYS A 117 -10.10 10.48 -15.93
N LYS A 118 -9.46 11.64 -15.86
CA LYS A 118 -8.05 11.74 -16.22
CA LYS A 118 -8.05 11.75 -16.20
C LYS A 118 -7.18 10.84 -15.32
N ALA A 119 -7.48 10.82 -14.02
CA ALA A 119 -6.72 10.01 -13.08
C ALA A 119 -6.80 8.53 -13.46
N TRP A 120 -8.00 8.05 -13.78
CA TRP A 120 -8.14 6.67 -14.25
C TRP A 120 -7.45 6.45 -15.59
N ASP A 121 -7.54 7.41 -16.49
CA ASP A 121 -6.92 7.24 -17.80
C ASP A 121 -5.40 7.07 -17.68
N VAL A 122 -4.77 7.88 -16.84
N VAL A 122 -4.76 7.91 -16.87
CA VAL A 122 -3.31 7.79 -16.71
CA VAL A 122 -3.31 7.79 -16.71
C VAL A 122 -2.94 6.52 -15.95
C VAL A 122 -2.95 6.51 -15.97
N THR A 123 -3.80 6.09 -15.03
CA THR A 123 -3.59 4.83 -14.32
C THR A 123 -3.55 3.67 -15.28
N GLU A 124 -4.56 3.58 -16.13
CA GLU A 124 -4.62 2.44 -17.03
CA GLU A 124 -4.63 2.46 -17.06
C GLU A 124 -3.48 2.49 -18.06
N LYS A 125 -3.08 3.68 -18.46
CA LYS A 125 -2.04 3.79 -19.47
C LYS A 125 -0.67 3.43 -18.91
N TYR A 126 -0.40 3.85 -17.68
CA TYR A 126 0.98 3.81 -17.20
C TYR A 126 1.32 2.88 -16.02
N ILE A 127 0.35 2.37 -15.27
CA ILE A 127 0.71 1.55 -14.11
CA ILE A 127 0.71 1.55 -14.11
C ILE A 127 0.00 0.19 -14.10
N ILE A 128 -0.96 -0.01 -15.00
CA ILE A 128 -1.54 -1.34 -15.21
C ILE A 128 -0.83 -1.93 -16.43
N PRO A 129 -0.02 -2.98 -16.23
CA PRO A 129 0.80 -3.47 -17.35
C PRO A 129 -0.03 -3.81 -18.56
N GLY A 130 0.45 -3.35 -19.73
CA GLY A 130 -0.25 -3.55 -20.99
C GLY A 130 0.39 -4.66 -21.78
N GLU A 131 0.05 -4.72 -23.06
CA GLU A 131 0.44 -5.84 -23.91
C GLU A 131 1.95 -6.04 -23.99
N THR A 132 2.71 -4.97 -24.18
CA THR A 132 4.17 -5.12 -24.28
C THR A 132 4.78 -5.39 -22.92
N ASP A 133 4.00 -5.17 -21.86
CA ASP A 133 4.49 -5.38 -20.51
C ASP A 133 4.26 -6.81 -20.02
N GLN A 134 3.10 -7.36 -20.33
CA GLN A 134 2.77 -8.75 -19.96
C GLN A 134 2.20 -9.47 -21.18
N PRO A 135 3.08 -9.85 -22.12
CA PRO A 135 2.67 -10.42 -23.41
C PRO A 135 1.58 -11.47 -23.26
N SER A 136 0.51 -11.33 -24.04
CA SER A 136 -0.62 -12.23 -23.92
C SER A 136 -0.28 -13.69 -24.17
N ALA A 137 0.70 -13.96 -25.05
CA ALA A 137 1.02 -15.35 -25.33
C ALA A 137 1.60 -16.05 -24.11
N SER A 138 2.31 -15.31 -23.27
CA SER A 138 2.83 -15.91 -22.05
C SER A 138 1.72 -16.08 -21.03
N MET A 139 0.90 -15.04 -20.88
CA MET A 139 -0.19 -15.11 -19.92
C MET A 139 -1.17 -16.24 -20.25
N SER A 140 -1.45 -16.43 -21.54
CA SER A 140 -2.38 -17.48 -21.97
CA SER A 140 -2.39 -17.49 -21.96
C SER A 140 -1.84 -18.89 -21.79
N ASN A 141 -0.53 -19.04 -21.56
CA ASN A 141 0.05 -20.37 -21.36
CA ASN A 141 0.06 -20.35 -21.36
C ASN A 141 0.15 -20.72 -19.88
N TYR A 142 -0.58 -19.98 -19.05
CA TYR A 142 -0.63 -20.27 -17.61
C TYR A 142 -1.23 -21.64 -17.34
N ASP A 143 -0.77 -22.28 -16.27
CA ASP A 143 -1.34 -23.54 -15.82
C ASP A 143 -1.85 -23.37 -14.39
N PRO A 144 -3.17 -23.25 -14.20
CA PRO A 144 -3.69 -23.00 -12.85
C PRO A 144 -3.44 -24.19 -11.90
N ASN A 145 -3.10 -25.35 -12.47
CA ASN A 145 -2.73 -26.49 -11.62
C ASN A 145 -1.27 -26.44 -11.19
N LYS A 146 -0.48 -25.58 -11.83
CA LYS A 146 0.93 -25.35 -11.46
C LYS A 146 1.23 -23.86 -11.53
N PRO A 147 0.69 -23.09 -10.59
CA PRO A 147 0.73 -21.62 -10.69
C PRO A 147 2.15 -21.05 -10.66
N ALA A 148 3.05 -21.72 -9.94
CA ALA A 148 4.40 -21.18 -9.75
C ALA A 148 5.30 -22.26 -9.18
N THR A 149 6.59 -21.96 -9.08
CA THR A 149 7.54 -22.88 -8.45
C THR A 149 7.98 -22.34 -7.11
N TYR A 150 7.92 -23.19 -6.09
CA TYR A 150 8.26 -22.78 -4.73
C TYR A 150 9.71 -22.32 -4.59
N ALA A 151 9.91 -21.24 -3.85
CA ALA A 151 11.24 -20.89 -3.34
C ALA A 151 11.04 -20.35 -1.92
N ALA A 152 11.96 -20.66 -1.02
CA ALA A 152 11.85 -20.19 0.36
C ALA A 152 12.17 -18.71 0.45
N GLU A 153 11.55 -18.02 1.42
CA GLU A 153 12.04 -16.71 1.84
C GLU A 153 13.10 -16.93 2.92
N HIS A 154 13.99 -15.97 3.13
CA HIS A 154 15.10 -16.17 4.06
C HIS A 154 15.28 -14.99 5.01
N PRO A 155 15.85 -15.24 6.20
CA PRO A 155 16.01 -14.21 7.25
C PRO A 155 17.03 -13.10 6.95
N ASP A 156 17.83 -13.24 5.90
CA ASP A 156 18.84 -12.23 5.58
C ASP A 156 19.06 -12.17 4.06
N PRO A 157 19.32 -10.97 3.52
CA PRO A 157 19.55 -10.87 2.07
C PRO A 157 20.73 -11.72 1.60
N SER A 158 21.67 -12.00 2.51
CA SER A 158 22.86 -12.77 2.14
C SER A 158 22.54 -14.21 1.78
N MET A 159 21.29 -14.63 2.02
CA MET A 159 20.87 -15.99 1.73
C MET A 159 20.18 -16.10 0.38
N TYR A 160 20.20 -15.00 -0.37
CA TYR A 160 19.67 -14.98 -1.71
C TYR A 160 20.83 -15.01 -2.71
N PRO A 161 20.63 -15.61 -3.90
CA PRO A 161 19.38 -16.13 -4.47
C PRO A 161 18.84 -17.35 -3.75
N SER A 162 17.52 -17.44 -3.74
CA SER A 162 16.84 -18.59 -3.17
C SER A 162 16.57 -19.62 -4.26
N GLN A 163 16.89 -20.87 -3.97
CA GLN A 163 16.81 -21.92 -4.98
C GLN A 163 15.35 -22.28 -5.32
N LEU A 164 15.03 -22.35 -6.62
CA LEU A 164 13.73 -22.89 -7.00
C LEU A 164 13.68 -24.37 -6.69
N GLN A 165 12.60 -24.81 -6.04
CA GLN A 165 12.45 -26.21 -5.69
C GLN A 165 11.30 -26.79 -6.51
N PHE A 166 11.61 -27.41 -7.63
CA PHE A 166 10.57 -27.84 -8.55
C PHE A 166 9.71 -28.99 -8.01
N GLY A 167 10.20 -29.69 -7.00
CA GLY A 167 9.46 -30.79 -6.41
C GLY A 167 8.56 -30.41 -5.25
N ALA A 168 8.69 -29.18 -4.75
CA ALA A 168 7.92 -28.75 -3.57
C ALA A 168 6.46 -28.48 -3.92
N ALA A 169 5.58 -28.67 -2.94
CA ALA A 169 4.14 -28.58 -3.17
C ALA A 169 3.71 -27.16 -3.52
N VAL A 170 2.81 -27.06 -4.50
CA VAL A 170 2.17 -25.80 -4.85
C VAL A 170 0.71 -26.13 -5.15
N GLY A 171 -0.22 -25.36 -4.57
CA GLY A 171 -1.63 -25.67 -4.74
C GLY A 171 -2.22 -25.14 -6.03
N LYS A 172 -3.53 -25.29 -6.15
CA LYS A 172 -4.27 -24.87 -7.35
C LYS A 172 -4.79 -23.44 -7.24
N ASP A 173 -4.75 -22.73 -8.36
CA ASP A 173 -5.28 -21.37 -8.45
C ASP A 173 -6.76 -21.46 -8.86
N PRO A 174 -7.68 -21.10 -7.96
CA PRO A 174 -9.12 -21.26 -8.24
C PRO A 174 -9.75 -20.06 -8.91
N LEU A 175 -8.97 -19.00 -9.17
CA LEU A 175 -9.49 -17.78 -9.76
C LEU A 175 -9.29 -17.71 -11.25
N TYR A 176 -8.17 -18.27 -11.72
CA TYR A 176 -7.72 -18.05 -13.09
C TYR A 176 -8.80 -18.31 -14.14
N ASN A 177 -9.38 -19.50 -14.11
CA ASN A 177 -10.34 -19.88 -15.15
C ASN A 177 -11.55 -18.96 -15.15
N GLU A 178 -12.04 -18.61 -13.96
CA GLU A 178 -13.17 -17.70 -13.87
C GLU A 178 -12.84 -16.33 -14.44
N LEU A 179 -11.67 -15.80 -14.09
CA LEU A 179 -11.25 -14.49 -14.62
C LEU A 179 -11.10 -14.52 -16.14
N LYS A 180 -10.48 -15.59 -16.66
CA LYS A 180 -10.26 -15.70 -18.09
C LYS A 180 -11.59 -15.79 -18.83
N SER A 181 -12.50 -16.59 -18.29
CA SER A 181 -13.84 -16.71 -18.88
CA SER A 181 -13.84 -16.71 -18.86
C SER A 181 -14.58 -15.37 -18.89
N THR A 182 -14.45 -14.63 -17.81
CA THR A 182 -15.17 -13.37 -17.65
C THR A 182 -14.65 -12.28 -18.57
N TYR A 183 -13.33 -12.15 -18.67
CA TYR A 183 -12.72 -11.02 -19.37
C TYR A 183 -12.19 -11.36 -20.77
N GLY A 184 -12.19 -12.65 -21.13
CA GLY A 184 -11.73 -13.07 -22.44
C GLY A 184 -10.26 -12.84 -22.72
N THR A 185 -9.46 -12.86 -21.66
CA THR A 185 -8.02 -12.71 -21.76
C THR A 185 -7.44 -13.36 -20.52
N SER A 186 -6.16 -13.70 -20.57
CA SER A 186 -5.46 -14.20 -19.39
CA SER A 186 -5.45 -14.19 -19.39
C SER A 186 -4.65 -13.09 -18.72
N GLN A 187 -4.67 -11.89 -19.31
CA GLN A 187 -3.89 -10.79 -18.72
C GLN A 187 -4.52 -10.32 -17.42
N VAL A 188 -3.67 -9.78 -16.55
CA VAL A 188 -4.09 -9.34 -15.21
C VAL A 188 -4.37 -7.85 -15.19
N TYR A 189 -5.52 -7.46 -14.67
CA TYR A 189 -5.86 -6.04 -14.56
C TYR A 189 -5.69 -5.62 -13.11
N GLY A 190 -4.45 -5.30 -12.76
CA GLY A 190 -4.12 -4.82 -11.43
C GLY A 190 -2.94 -3.88 -11.58
N MET A 191 -2.74 -2.98 -10.61
CA MET A 191 -1.61 -2.06 -10.71
C MET A 191 -0.31 -2.70 -10.23
N HIS A 192 0.78 -2.45 -10.95
CA HIS A 192 2.08 -2.78 -10.42
C HIS A 192 2.47 -1.68 -9.41
N TRP A 193 3.27 -1.99 -8.40
CA TRP A 193 3.36 -1.05 -7.28
C TRP A 193 4.31 0.13 -7.46
N LEU A 194 5.31 0.00 -8.34
CA LEU A 194 6.40 1.00 -8.40
C LEU A 194 6.77 1.36 -9.84
N LEU A 195 6.82 2.67 -10.12
CA LEU A 195 7.06 3.14 -11.47
C LEU A 195 8.19 4.18 -11.46
N ASP A 196 9.15 4.02 -12.36
CA ASP A 196 10.23 5.01 -12.51
C ASP A 196 9.74 6.02 -13.56
N VAL A 197 9.09 7.08 -13.08
CA VAL A 197 8.25 7.93 -13.92
C VAL A 197 9.01 8.60 -15.05
N ASP A 198 10.23 9.05 -14.74
CA ASP A 198 11.05 9.74 -15.73
C ASP A 198 12.33 8.96 -16.05
N ASN A 199 12.28 7.64 -15.87
CA ASN A 199 13.41 6.79 -16.25
C ASN A 199 14.73 7.23 -15.58
N TRP A 200 14.65 7.53 -14.29
CA TRP A 200 15.83 8.00 -13.56
C TRP A 200 16.91 6.93 -13.49
N TYR A 201 16.52 5.67 -13.34
CA TYR A 201 17.51 4.58 -13.31
C TYR A 201 18.10 4.27 -14.69
N GLY A 202 17.39 4.66 -15.75
CA GLY A 202 17.91 4.43 -17.09
C GLY A 202 17.60 3.07 -17.68
N PHE A 203 16.74 2.29 -17.03
CA PHE A 203 16.37 0.97 -17.58
C PHE A 203 15.62 1.11 -18.91
N GLY A 204 15.11 2.32 -19.17
CA GLY A 204 14.43 2.58 -20.43
C GLY A 204 15.36 3.10 -21.50
N GLY A 205 16.65 3.11 -21.21
CA GLY A 205 17.61 3.62 -22.18
C GLY A 205 18.13 5.00 -21.85
N ALA A 206 19.16 5.43 -22.57
CA ALA A 206 19.93 6.62 -22.20
C ALA A 206 19.26 7.92 -22.58
N THR A 207 18.28 7.86 -23.48
CA THR A 207 17.64 9.09 -23.97
C THR A 207 16.12 9.07 -23.90
N SER A 208 15.57 8.44 -22.88
CA SER A 208 14.12 8.39 -22.74
C SER A 208 13.78 8.93 -21.37
N THR A 209 12.65 9.62 -21.24
CA THR A 209 12.12 9.91 -19.90
CA THR A 209 12.13 9.97 -19.93
C THR A 209 10.71 9.37 -19.76
N SER A 210 10.35 8.39 -20.59
CA SER A 210 9.06 7.71 -20.45
CA SER A 210 9.06 7.74 -20.43
C SER A 210 9.09 6.78 -19.23
N PRO A 211 7.92 6.48 -18.67
CA PRO A 211 7.93 5.66 -17.45
C PRO A 211 8.38 4.23 -17.66
N VAL A 212 9.04 3.68 -16.65
CA VAL A 212 9.51 2.30 -16.68
C VAL A 212 9.03 1.57 -15.44
N TYR A 213 8.46 0.38 -15.63
CA TYR A 213 8.07 -0.45 -14.48
C TYR A 213 9.33 -1.01 -13.83
N ILE A 214 9.52 -0.77 -12.53
CA ILE A 214 10.69 -1.28 -11.83
C ILE A 214 10.32 -1.97 -10.54
N ASN A 215 11.25 -2.74 -9.97
CA ASN A 215 10.93 -3.23 -8.65
C ASN A 215 12.21 -3.09 -7.83
N THR A 216 12.11 -3.19 -6.51
CA THR A 216 13.26 -3.07 -5.63
C THR A 216 13.30 -4.27 -4.70
N PHE A 217 12.44 -4.26 -3.68
CA PHE A 217 12.40 -5.34 -2.69
C PHE A 217 12.26 -6.73 -3.30
N GLN A 218 13.18 -7.62 -2.92
CA GLN A 218 13.18 -9.00 -3.40
CA GLN A 218 13.17 -8.99 -3.39
C GLN A 218 13.72 -9.99 -2.38
N ARG A 219 14.49 -9.51 -1.41
CA ARG A 219 15.30 -10.42 -0.60
C ARG A 219 14.90 -10.47 0.88
N GLY A 220 13.59 -10.49 1.10
CA GLY A 220 13.06 -10.89 2.38
C GLY A 220 12.99 -9.86 3.49
N VAL A 221 12.76 -10.38 4.69
CA VAL A 221 12.39 -9.60 5.87
C VAL A 221 13.44 -8.58 6.31
N GLN A 222 14.71 -8.83 6.04
CA GLN A 222 15.73 -7.94 6.52
C GLN A 222 16.27 -7.03 5.41
N GLU A 223 15.66 -7.08 4.23
CA GLU A 223 16.11 -6.17 3.17
C GLU A 223 15.37 -4.83 3.25
N SER A 224 15.99 -3.84 3.90
CA SER A 224 15.40 -2.50 3.99
C SER A 224 15.44 -1.80 2.64
N CYS A 225 14.80 -0.63 2.55
CA CYS A 225 14.84 0.14 1.31
C CYS A 225 16.27 0.57 0.94
N TRP A 226 17.19 0.50 1.89
CA TRP A 226 18.58 0.88 1.65
C TRP A 226 19.43 -0.28 1.11
N GLU A 227 18.83 -1.47 1.07
CA GLU A 227 19.61 -2.69 0.85
C GLU A 227 19.23 -3.46 -0.42
N THR A 228 18.43 -2.83 -1.27
CA THR A 228 17.93 -3.46 -2.48
C THR A 228 18.87 -3.25 -3.66
N VAL A 229 18.60 -3.98 -4.75
CA VAL A 229 19.22 -3.68 -6.03
C VAL A 229 18.08 -3.47 -7.01
N PRO A 230 17.86 -2.22 -7.44
CA PRO A 230 16.71 -1.95 -8.32
C PRO A 230 16.83 -2.73 -9.62
N GLN A 231 15.70 -3.19 -10.12
CA GLN A 231 15.70 -4.00 -11.33
C GLN A 231 14.52 -3.63 -12.20
N PRO A 232 14.64 -3.78 -13.53
CA PRO A 232 13.48 -3.53 -14.39
C PRO A 232 12.51 -4.69 -14.28
N CYS A 233 11.20 -4.41 -14.29
CA CYS A 233 10.22 -5.50 -14.25
C CYS A 233 10.36 -6.40 -15.46
N LYS A 234 10.68 -5.80 -16.61
CA LYS A 234 11.00 -6.58 -17.82
CA LYS A 234 11.00 -6.57 -17.81
C LYS A 234 12.50 -6.78 -17.86
N ASP A 235 12.98 -7.94 -17.42
CA ASP A 235 14.41 -8.19 -17.44
C ASP A 235 14.79 -8.87 -18.73
N GLU A 236 15.32 -8.07 -19.66
CA GLU A 236 15.76 -8.54 -20.95
C GLU A 236 17.27 -8.77 -20.94
N MET A 237 17.83 -8.74 -19.73
CA MET A 237 19.26 -8.96 -19.48
C MET A 237 20.17 -7.92 -20.15
N LYS A 238 19.61 -6.76 -20.47
CA LYS A 238 20.41 -5.69 -21.08
C LYS A 238 21.25 -4.97 -20.03
N TYR A 239 20.78 -5.00 -18.79
CA TYR A 239 21.45 -4.35 -17.67
C TYR A 239 21.66 -5.33 -16.54
N GLY A 240 22.54 -4.96 -15.60
CA GLY A 240 22.86 -5.88 -14.52
C GLY A 240 24.06 -6.74 -14.88
N GLY A 241 23.93 -8.04 -14.65
CA GLY A 241 24.99 -9.01 -14.90
C GLY A 241 24.70 -9.94 -16.08
N ARG A 242 25.31 -11.13 -16.04
CA ARG A 242 25.25 -12.09 -17.15
C ARG A 242 23.82 -12.53 -17.39
N ASN A 243 23.06 -12.63 -16.31
CA ASN A 243 21.66 -13.01 -16.36
C ASN A 243 20.74 -11.87 -15.95
N GLY A 244 21.13 -10.66 -16.32
CA GLY A 244 20.37 -9.49 -15.90
C GLY A 244 20.49 -9.38 -14.39
N PHE A 245 19.36 -9.23 -13.71
CA PHE A 245 19.38 -9.19 -12.24
C PHE A 245 18.81 -10.46 -11.65
N LEU A 246 18.38 -11.37 -12.51
CA LEU A 246 17.55 -12.48 -12.07
C LEU A 246 18.22 -13.39 -11.03
N ASP A 247 19.51 -13.66 -11.22
CA ASP A 247 20.21 -14.60 -10.34
C ASP A 247 20.73 -13.95 -9.05
N LEU A 248 20.33 -12.71 -8.78
CA LEU A 248 20.48 -12.15 -7.44
C LEU A 248 19.41 -12.72 -6.53
N PHE A 249 18.31 -13.15 -7.14
CA PHE A 249 17.08 -13.37 -6.37
C PHE A 249 16.62 -14.81 -6.37
N THR A 250 16.68 -15.44 -7.53
CA THR A 250 16.26 -16.83 -7.64
CA THR A 250 16.22 -16.80 -7.74
C THR A 250 17.36 -17.70 -8.22
N GLY A 251 17.46 -18.92 -7.69
CA GLY A 251 18.48 -19.84 -8.11
C GLY A 251 17.90 -20.90 -9.05
N ASP A 252 18.49 -21.00 -10.24
CA ASP A 252 18.07 -21.96 -11.25
C ASP A 252 19.28 -22.29 -12.12
N SER A 253 19.17 -23.32 -12.95
CA SER A 253 20.30 -23.76 -13.76
C SER A 253 20.43 -22.95 -15.05
N GLN A 254 19.35 -22.25 -15.40
CA GLN A 254 19.38 -21.33 -16.54
C GLN A 254 18.36 -20.23 -16.35
N TYR A 255 18.49 -19.17 -17.15
CA TYR A 255 17.65 -18.00 -16.99
C TYR A 255 17.22 -17.50 -18.33
N ALA A 256 15.94 -17.16 -18.46
CA ALA A 256 15.44 -16.60 -19.72
C ALA A 256 14.87 -15.20 -19.49
N THR A 257 14.79 -14.40 -20.56
CA THR A 257 14.20 -13.08 -20.41
C THR A 257 12.75 -13.19 -19.95
N GLN A 258 12.31 -12.25 -19.13
CA GLN A 258 11.01 -12.44 -18.47
C GLN A 258 10.52 -11.16 -17.84
N PHE A 259 9.22 -11.14 -17.53
CA PHE A 259 8.63 -10.00 -16.85
C PHE A 259 8.13 -10.44 -15.47
N LYS A 260 8.04 -9.48 -14.56
CA LYS A 260 7.47 -9.73 -13.24
C LYS A 260 6.84 -8.47 -12.71
N TYR A 261 5.60 -8.55 -12.24
CA TYR A 261 4.89 -7.40 -11.64
C TYR A 261 4.40 -7.81 -10.25
N THR A 262 4.31 -6.82 -9.37
N THR A 262 4.31 -6.83 -9.36
CA THR A 262 3.93 -7.08 -7.98
CA THR A 262 3.92 -7.10 -7.99
C THR A 262 2.88 -6.06 -7.57
C THR A 262 2.88 -6.06 -7.57
N ASN A 263 1.74 -6.55 -7.13
CA ASN A 263 0.64 -5.70 -6.67
C ASN A 263 0.86 -5.19 -5.25
N ALA A 264 0.31 -4.00 -4.96
CA ALA A 264 0.16 -3.54 -3.58
C ALA A 264 -1.33 -3.51 -3.30
N PRO A 265 -1.85 -4.54 -2.63
CA PRO A 265 -3.31 -4.69 -2.56
C PRO A 265 -3.99 -3.53 -1.87
N ASP A 266 -3.31 -2.89 -0.93
CA ASP A 266 -3.93 -1.75 -0.25
C ASP A 266 -4.19 -0.61 -1.23
N ALA A 267 -3.35 -0.47 -2.24
CA ALA A 267 -3.54 0.61 -3.22
C ALA A 267 -4.69 0.31 -4.17
N ASP A 268 -4.76 -0.93 -4.66
CA ASP A 268 -5.86 -1.28 -5.55
C ASP A 268 -7.19 -1.18 -4.81
N ALA A 269 -7.19 -1.54 -3.52
CA ALA A 269 -8.42 -1.39 -2.73
C ALA A 269 -8.78 0.09 -2.57
N ARG A 270 -7.78 0.93 -2.37
CA ARG A 270 -8.05 2.38 -2.23
C ARG A 270 -8.65 2.92 -3.54
N ALA A 271 -8.21 2.37 -4.68
CA ALA A 271 -8.77 2.76 -5.98
C ALA A 271 -10.28 2.49 -6.04
N VAL A 272 -10.68 1.36 -5.48
CA VAL A 272 -12.11 1.01 -5.42
C VAL A 272 -12.86 1.98 -4.49
N GLN A 273 -12.27 2.22 -3.33
CA GLN A 273 -12.82 3.15 -2.35
C GLN A 273 -13.02 4.54 -2.98
N ALA A 274 -12.00 5.00 -3.70
CA ALA A 274 -12.06 6.30 -4.37
C ALA A 274 -13.17 6.33 -5.42
N THR A 275 -13.29 5.25 -6.18
CA THR A 275 -14.23 5.25 -7.30
C THR A 275 -15.67 5.19 -6.80
N TYR A 276 -15.88 4.49 -5.69
CA TYR A 276 -17.21 4.53 -5.05
C TYR A 276 -17.59 5.96 -4.65
N TYR A 277 -16.63 6.69 -4.07
CA TYR A 277 -16.91 8.07 -3.67
C TYR A 277 -17.26 8.92 -4.91
N ALA A 278 -16.52 8.72 -5.99
CA ALA A 278 -16.83 9.40 -7.25
C ALA A 278 -18.22 9.04 -7.73
N GLN A 279 -18.61 7.78 -7.59
CA GLN A 279 -19.92 7.34 -8.08
C GLN A 279 -21.04 7.94 -7.23
N LEU A 280 -20.82 8.06 -5.92
CA LEU A 280 -21.84 8.75 -5.09
C LEU A 280 -22.02 10.18 -5.61
N ALA A 281 -20.91 10.83 -5.91
CA ALA A 281 -20.94 12.17 -6.47
C ALA A 281 -21.64 12.20 -7.81
N ALA A 282 -21.35 11.20 -8.65
CA ALA A 282 -21.93 11.14 -10.00
C ALA A 282 -23.45 11.05 -9.92
N LYS A 283 -23.94 10.27 -8.98
CA LYS A 283 -25.39 10.16 -8.79
C LYS A 283 -25.99 11.48 -8.30
N GLU A 284 -25.29 12.17 -7.40
CA GLU A 284 -25.74 13.45 -6.90
CA GLU A 284 -25.75 13.45 -6.90
C GLU A 284 -25.82 14.50 -8.01
N TRP A 285 -24.79 14.52 -8.86
CA TRP A 285 -24.69 15.54 -9.91
C TRP A 285 -25.34 15.15 -11.24
N GLY A 286 -25.79 13.91 -11.35
CA GLY A 286 -26.43 13.44 -12.58
C GLY A 286 -25.46 13.22 -13.73
N VAL A 287 -24.27 12.70 -13.40
CA VAL A 287 -23.23 12.48 -14.39
C VAL A 287 -22.98 10.97 -14.54
N ASP A 288 -22.69 10.53 -15.77
CA ASP A 288 -22.45 9.11 -16.02
C ASP A 288 -20.94 8.82 -16.03
N ILE A 289 -20.48 8.03 -15.06
CA ILE A 289 -19.10 7.55 -15.10
C ILE A 289 -19.04 6.02 -15.08
N SER A 290 -20.04 5.38 -15.67
CA SER A 290 -20.14 3.92 -15.59
CA SER A 290 -20.15 3.91 -15.63
C SER A 290 -18.91 3.17 -16.12
N SER A 291 -18.23 3.71 -17.14
CA SER A 291 -17.06 2.99 -17.67
CA SER A 291 -17.06 3.02 -17.68
C SER A 291 -15.91 3.03 -16.67
N TYR A 292 -15.86 4.06 -15.84
CA TYR A 292 -14.82 4.16 -14.82
C TYR A 292 -15.18 3.28 -13.63
N VAL A 293 -16.47 3.20 -13.31
CA VAL A 293 -16.92 2.22 -12.32
C VAL A 293 -16.49 0.83 -12.75
N ALA A 294 -16.66 0.53 -14.03
CA ALA A 294 -16.30 -0.78 -14.58
C ALA A 294 -14.79 -1.05 -14.47
N LYS A 295 -13.96 -0.03 -14.64
CA LYS A 295 -12.52 -0.23 -14.45
C LYS A 295 -12.25 -0.66 -13.01
N SER A 296 -12.82 0.06 -12.06
CA SER A 296 -12.55 -0.21 -10.65
C SER A 296 -13.04 -1.60 -10.24
N THR A 297 -14.17 -2.01 -10.82
CA THR A 297 -14.70 -3.33 -10.42
CA THR A 297 -14.74 -3.27 -10.48
C THR A 297 -13.91 -4.44 -11.05
N LYS A 298 -13.36 -4.23 -12.24
CA LYS A 298 -12.45 -5.20 -12.84
C LYS A 298 -11.17 -5.32 -12.00
N MET A 299 -10.64 -4.17 -11.58
CA MET A 299 -9.47 -4.17 -10.70
C MET A 299 -9.78 -4.90 -9.40
N GLY A 300 -10.96 -4.65 -8.84
CA GLY A 300 -11.36 -5.35 -7.63
C GLY A 300 -11.55 -6.84 -7.82
N ASP A 301 -11.87 -7.24 -9.05
CA ASP A 301 -12.06 -8.66 -9.36
C ASP A 301 -10.70 -9.38 -9.30
N PHE A 302 -9.69 -8.79 -9.92
CA PHE A 302 -8.34 -9.37 -9.90
C PHE A 302 -7.72 -9.28 -8.52
N LEU A 303 -8.17 -8.28 -7.75
CA LEU A 303 -7.67 -8.07 -6.40
C LEU A 303 -7.96 -9.27 -5.48
N ARG A 304 -8.87 -10.15 -5.89
CA ARG A 304 -9.09 -11.39 -5.13
C ARG A 304 -7.83 -12.25 -5.00
N TYR A 305 -6.84 -12.04 -5.87
CA TYR A 305 -5.59 -12.78 -5.68
C TYR A 305 -4.91 -12.41 -4.36
N SER A 306 -5.24 -11.24 -3.82
CA SER A 306 -4.66 -10.85 -2.53
C SER A 306 -5.26 -11.65 -1.38
N PHE A 307 -6.24 -12.51 -1.67
CA PHE A 307 -6.82 -13.37 -0.65
C PHE A 307 -6.02 -14.64 -0.40
N PHE A 308 -5.03 -14.92 -1.24
CA PHE A 308 -4.44 -16.27 -1.28
C PHE A 308 -3.02 -16.42 -0.77
N ASP A 309 -2.78 -17.56 -0.12
CA ASP A 309 -1.44 -17.98 0.26
C ASP A 309 -0.48 -17.93 -0.94
N LYS A 310 0.79 -17.62 -0.66
CA LYS A 310 1.79 -17.41 -1.72
C LYS A 310 1.79 -18.52 -2.77
N TYR A 311 1.86 -19.76 -2.29
CA TYR A 311 1.91 -20.91 -3.19
C TYR A 311 0.64 -21.75 -3.07
N PHE A 312 -0.47 -21.07 -2.79
CA PHE A 312 -1.78 -21.71 -2.73
C PHE A 312 -1.77 -22.94 -1.80
N ARG A 313 -1.05 -22.80 -0.69
CA ARG A 313 -1.02 -23.83 0.34
C ARG A 313 -2.26 -23.73 1.23
N LYS A 314 -2.71 -24.84 1.80
CA LYS A 314 -3.88 -24.79 2.67
C LYS A 314 -3.65 -23.87 3.86
N VAL A 315 -4.64 -23.04 4.17
CA VAL A 315 -4.53 -22.14 5.30
C VAL A 315 -4.66 -22.96 6.59
N GLY A 316 -3.66 -22.83 7.47
CA GLY A 316 -3.63 -23.58 8.72
C GLY A 316 -3.15 -25.01 8.58
N ASN A 317 -2.75 -25.40 7.37
CA ASN A 317 -2.21 -26.71 7.12
C ASN A 317 -1.20 -26.52 6.01
N SER A 318 -0.28 -25.58 6.24
CA SER A 318 0.44 -24.97 5.13
C SER A 318 1.56 -25.80 4.49
N THR A 319 1.85 -26.99 5.00
CA THR A 319 2.76 -27.86 4.23
C THR A 319 2.05 -28.52 3.06
N GLN A 320 0.71 -28.43 3.04
CA GLN A 320 -0.10 -29.12 2.04
C GLN A 320 -0.55 -28.24 0.88
N ALA A 321 -0.48 -28.76 -0.34
CA ALA A 321 -1.03 -28.03 -1.48
C ALA A 321 -2.54 -27.87 -1.36
N GLY A 322 -3.04 -26.67 -1.63
CA GLY A 322 -4.48 -26.44 -1.62
C GLY A 322 -5.15 -26.96 -2.89
N THR A 323 -6.46 -27.14 -2.81
CA THR A 323 -7.23 -27.59 -3.97
C THR A 323 -8.15 -26.51 -4.50
N GLY A 324 -8.02 -25.31 -3.97
CA GLY A 324 -8.83 -24.21 -4.46
C GLY A 324 -8.98 -23.17 -3.39
N TYR A 325 -10.20 -22.96 -2.92
CA TYR A 325 -10.39 -21.92 -1.91
C TYR A 325 -9.90 -22.31 -0.52
N ASP A 326 -9.45 -23.55 -0.33
CA ASP A 326 -8.86 -23.87 0.97
C ASP A 326 -7.52 -23.15 1.18
N SER A 327 -6.99 -22.49 0.14
CA SER A 327 -5.79 -21.66 0.31
C SER A 327 -6.17 -20.19 0.44
N ALA A 328 -7.46 -19.89 0.54
CA ALA A 328 -7.88 -18.49 0.70
C ALA A 328 -7.83 -18.06 2.17
N GLN A 329 -7.02 -17.04 2.42
CA GLN A 329 -6.87 -16.39 3.73
C GLN A 329 -7.95 -15.33 3.94
N TYR A 330 -8.46 -14.80 2.83
CA TYR A 330 -9.60 -13.88 2.81
C TYR A 330 -9.30 -12.51 3.39
N LEU A 331 -8.03 -12.16 3.48
CA LEU A 331 -7.63 -10.81 3.86
C LEU A 331 -6.99 -10.14 2.64
N LEU A 332 -6.61 -8.87 2.78
CA LEU A 332 -5.75 -8.26 1.74
C LEU A 332 -4.31 -8.52 2.15
N ASN A 333 -3.65 -9.44 1.44
CA ASN A 333 -2.29 -9.84 1.79
C ASN A 333 -1.26 -8.80 1.33
N TRP A 334 0.02 -9.10 1.53
CA TRP A 334 1.04 -8.10 1.27
C TRP A 334 1.23 -7.84 -0.22
N TYR A 335 0.94 -8.85 -1.02
CA TYR A 335 1.00 -8.72 -2.48
C TYR A 335 0.44 -9.94 -3.16
N TYR A 336 0.02 -9.77 -4.42
CA TYR A 336 0.08 -10.89 -5.34
C TYR A 336 1.04 -10.47 -6.43
N ALA A 337 1.63 -11.44 -7.11
CA ALA A 337 2.60 -11.10 -8.16
C ALA A 337 2.41 -12.02 -9.33
N TRP A 338 2.86 -11.58 -10.50
CA TRP A 338 2.72 -12.44 -11.67
C TRP A 338 3.83 -12.12 -12.65
N GLY A 339 4.19 -13.10 -13.47
CA GLY A 339 5.30 -12.92 -14.38
C GLY A 339 5.26 -13.95 -15.47
N GLY A 340 6.25 -13.90 -16.36
CA GLY A 340 6.27 -14.86 -17.43
C GLY A 340 7.35 -14.56 -18.42
N GLY A 341 7.37 -15.33 -19.50
CA GLY A 341 8.46 -15.22 -20.46
C GLY A 341 8.31 -14.11 -21.46
N ILE A 342 9.46 -13.59 -21.88
CA ILE A 342 9.50 -12.65 -22.99
CA ILE A 342 9.52 -12.66 -22.99
C ILE A 342 9.96 -13.41 -24.24
N SER A 343 11.08 -14.11 -24.14
CA SER A 343 11.60 -14.84 -25.30
C SER A 343 10.80 -16.10 -25.64
N SER A 344 10.05 -16.64 -24.68
CA SER A 344 9.18 -17.79 -24.92
C SER A 344 7.94 -17.68 -24.05
N ASN A 345 6.97 -18.57 -24.26
CA ASN A 345 5.63 -18.37 -23.69
C ASN A 345 5.35 -19.24 -22.49
N TRP A 346 5.32 -18.61 -21.32
CA TRP A 346 5.06 -19.28 -20.05
C TRP A 346 4.74 -18.22 -19.02
N SER A 347 4.03 -18.61 -17.96
CA SER A 347 3.69 -17.61 -16.94
C SER A 347 3.41 -18.26 -15.60
N TRP A 348 3.39 -17.42 -14.57
CA TRP A 348 3.20 -17.90 -13.21
C TRP A 348 2.50 -16.81 -12.39
N ARG A 349 1.89 -17.20 -11.27
CA ARG A 349 1.25 -16.27 -10.35
C ARG A 349 1.48 -16.74 -8.93
N ILE A 350 1.66 -15.78 -8.02
CA ILE A 350 1.72 -16.10 -6.60
C ILE A 350 0.83 -15.15 -5.81
N GLY A 351 0.37 -15.61 -4.65
CA GLY A 351 -0.21 -14.69 -3.67
C GLY A 351 0.87 -14.26 -2.68
N SER A 352 0.46 -14.13 -1.41
CA SER A 352 1.40 -13.89 -0.32
C SER A 352 0.80 -14.49 0.92
N SER A 353 1.63 -15.17 1.71
CA SER A 353 1.13 -15.76 2.96
C SER A 353 1.02 -14.74 4.10
N HIS A 354 1.50 -13.53 3.87
CA HIS A 354 1.61 -12.53 4.95
C HIS A 354 0.51 -11.48 4.87
N ASN A 355 0.00 -11.07 6.03
CA ASN A 355 -1.13 -10.12 6.07
C ASN A 355 -0.90 -9.09 7.16
N HIS A 356 -1.09 -7.83 6.83
CA HIS A 356 -0.87 -6.72 7.76
C HIS A 356 -2.21 -5.99 7.95
N PHE A 357 -2.59 -5.64 9.18
CA PHE A 357 -3.87 -4.96 9.39
C PHE A 357 -3.90 -3.66 8.58
N GLY A 358 -2.73 -3.07 8.39
CA GLY A 358 -2.63 -1.76 7.78
C GLY A 358 -3.03 -1.74 6.33
N TYR A 359 -3.13 -2.92 5.70
CA TYR A 359 -3.53 -3.02 4.29
C TYR A 359 -5.02 -3.23 4.11
N GLN A 360 -5.72 -3.60 5.18
CA GLN A 360 -7.10 -4.04 5.00
C GLN A 360 -7.98 -2.88 4.56
N ASN A 361 -9.12 -3.20 3.97
CA ASN A 361 -10.00 -2.14 3.52
C ASN A 361 -11.44 -2.66 3.47
N PRO A 362 -12.10 -2.65 4.62
CA PRO A 362 -13.49 -3.13 4.66
C PRO A 362 -14.40 -2.24 3.83
N MET A 363 -14.04 -0.98 3.65
CA MET A 363 -14.85 -0.12 2.80
C MET A 363 -14.85 -0.67 1.36
N ALA A 364 -13.65 -0.94 0.81
CA ALA A 364 -13.57 -1.54 -0.52
C ALA A 364 -14.30 -2.88 -0.59
N ALA A 365 -14.13 -3.71 0.44
CA ALA A 365 -14.75 -5.03 0.42
C ALA A 365 -16.27 -4.91 0.40
N TRP A 366 -16.81 -3.96 1.19
CA TRP A 366 -18.26 -3.72 1.23
C TRP A 366 -18.78 -3.19 -0.11
N ILE A 367 -18.03 -2.29 -0.72
CA ILE A 367 -18.40 -1.73 -2.02
C ILE A 367 -18.56 -2.86 -3.03
N LEU A 368 -17.60 -3.78 -3.06
CA LEU A 368 -17.56 -4.81 -4.10
C LEU A 368 -18.57 -5.91 -3.83
N SER A 369 -19.03 -6.03 -2.58
CA SER A 369 -19.88 -7.17 -2.22
C SER A 369 -21.34 -6.79 -1.94
N ASN A 370 -21.58 -5.52 -1.60
CA ASN A 370 -22.89 -5.11 -1.10
C ASN A 370 -23.47 -3.86 -1.77
N THR A 371 -22.92 -3.49 -2.92
CA THR A 371 -23.55 -2.46 -3.74
C THR A 371 -23.77 -3.04 -5.12
N SER A 372 -24.88 -2.72 -5.76
CA SER A 372 -25.13 -3.24 -7.09
C SER A 372 -24.20 -2.64 -8.13
N ASP A 373 -23.89 -1.34 -7.99
CA ASP A 373 -23.05 -0.68 -8.98
C ASP A 373 -21.67 -1.30 -9.09
N PHE A 374 -21.15 -1.84 -7.99
CA PHE A 374 -19.77 -2.31 -7.99
C PHE A 374 -19.64 -3.83 -7.88
N LYS A 375 -20.72 -4.54 -8.18
CA LYS A 375 -20.61 -6.00 -8.28
C LYS A 375 -19.69 -6.41 -9.45
N PRO A 376 -18.59 -7.13 -9.15
CA PRO A 376 -17.74 -7.46 -10.31
C PRO A 376 -18.34 -8.50 -11.23
N LYS A 377 -17.85 -8.53 -12.46
CA LYS A 377 -18.43 -9.42 -13.47
C LYS A 377 -18.23 -10.91 -13.22
N SER A 378 -17.16 -11.30 -12.55
CA SER A 378 -16.95 -12.73 -12.27
C SER A 378 -18.06 -13.20 -11.36
N PRO A 379 -18.70 -14.33 -11.71
CA PRO A 379 -19.85 -14.79 -10.93
C PRO A 379 -19.60 -14.89 -9.42
N ASN A 380 -18.44 -15.39 -9.01
CA ASN A 380 -18.20 -15.58 -7.58
C ASN A 380 -17.59 -14.39 -6.86
N ALA A 381 -17.31 -13.30 -7.57
CA ALA A 381 -16.52 -12.22 -6.97
C ALA A 381 -17.22 -11.55 -5.78
N ALA A 382 -18.50 -11.23 -5.93
CA ALA A 382 -19.19 -10.54 -4.84
C ALA A 382 -19.25 -11.41 -3.58
N THR A 383 -19.52 -12.69 -3.76
CA THR A 383 -19.54 -13.64 -2.64
C THR A 383 -18.17 -13.71 -1.95
N ASP A 384 -17.11 -13.81 -2.75
CA ASP A 384 -15.76 -13.85 -2.20
C ASP A 384 -15.46 -12.58 -1.39
N TRP A 385 -15.84 -11.43 -1.95
CA TRP A 385 -15.61 -10.15 -1.26
C TRP A 385 -16.45 -10.02 0.03
N ASN A 386 -17.65 -10.60 0.03
CA ASN A 386 -18.48 -10.61 1.23
C ASN A 386 -17.79 -11.42 2.32
N ASN A 387 -17.20 -12.53 1.92
CA ASN A 387 -16.47 -13.34 2.89
C ASN A 387 -15.22 -12.63 3.37
N SER A 388 -14.54 -11.90 2.48
CA SER A 388 -13.37 -11.12 2.91
C SER A 388 -13.79 -10.00 3.87
N LEU A 389 -14.91 -9.34 3.59
CA LEU A 389 -15.38 -8.26 4.46
C LEU A 389 -15.51 -8.75 5.90
N LYS A 390 -16.17 -9.89 6.08
CA LYS A 390 -16.38 -10.40 7.43
CA LYS A 390 -16.37 -10.47 7.40
C LYS A 390 -15.05 -10.75 8.08
N ARG A 391 -14.18 -11.41 7.31
CA ARG A 391 -12.89 -11.81 7.82
C ARG A 391 -12.03 -10.61 8.21
N GLN A 392 -12.05 -9.56 7.37
CA GLN A 392 -11.28 -8.37 7.68
C GLN A 392 -11.71 -7.73 8.98
N ILE A 393 -13.02 -7.59 9.20
CA ILE A 393 -13.47 -6.94 10.43
C ILE A 393 -13.09 -7.80 11.65
N GLU A 394 -13.16 -9.13 11.52
CA GLU A 394 -12.67 -10.01 12.59
C GLU A 394 -11.17 -9.80 12.86
N PHE A 395 -10.40 -9.62 11.78
CA PHE A 395 -8.95 -9.46 11.87
C PHE A 395 -8.58 -8.22 12.67
N TYR A 396 -9.25 -7.09 12.39
CA TYR A 396 -8.98 -5.89 13.20
C TYR A 396 -9.26 -6.13 14.68
N GLN A 397 -10.37 -6.81 14.98
CA GLN A 397 -10.73 -7.05 16.38
C GLN A 397 -9.69 -7.95 17.03
N TRP A 398 -9.28 -8.97 16.29
CA TRP A 398 -8.30 -9.93 16.83
C TRP A 398 -6.99 -9.23 17.18
N LEU A 399 -6.63 -8.23 16.38
CA LEU A 399 -5.34 -7.55 16.55
C LEU A 399 -5.42 -6.34 17.47
N GLN A 400 -6.59 -6.02 18.00
CA GLN A 400 -6.67 -4.81 18.79
C GLN A 400 -6.06 -4.99 20.18
N SER A 401 -5.03 -4.19 20.45
CA SER A 401 -4.30 -4.27 21.71
C SER A 401 -5.15 -3.84 22.90
N ALA A 402 -4.63 -4.12 24.10
CA ALA A 402 -5.28 -3.67 25.32
C ALA A 402 -5.49 -2.17 25.31
N GLU A 403 -4.52 -1.43 24.77
CA GLU A 403 -4.59 0.03 24.75
C GLU A 403 -5.52 0.55 23.67
N GLY A 404 -5.57 -0.14 22.53
CA GLY A 404 -6.50 0.22 21.47
C GLY A 404 -5.88 0.27 20.07
N GLY A 405 -4.57 0.46 20.00
CA GLY A 405 -3.85 0.42 18.72
C GLY A 405 -3.93 -0.97 18.09
N ILE A 406 -3.91 -1.05 16.77
CA ILE A 406 -4.03 -2.38 16.15
C ILE A 406 -2.65 -2.97 15.87
N ALA A 407 -2.47 -4.23 16.29
CA ALA A 407 -1.21 -4.96 16.13
C ALA A 407 -1.04 -5.45 14.69
N GLY A 408 0.14 -6.01 14.43
CA GLY A 408 0.61 -6.20 13.08
C GLY A 408 -0.24 -7.02 12.14
N GLY A 409 -0.30 -8.33 12.38
CA GLY A 409 -0.99 -9.17 11.42
C GLY A 409 -0.73 -10.64 11.64
N ALA A 410 -0.84 -11.41 10.58
CA ALA A 410 -0.69 -12.85 10.69
C ALA A 410 -0.26 -13.44 9.37
N SER A 411 0.36 -14.62 9.44
CA SER A 411 0.95 -15.26 8.27
C SER A 411 0.55 -16.72 8.20
N ASN A 412 0.43 -17.24 6.99
CA ASN A 412 0.28 -18.69 6.79
C ASN A 412 1.61 -19.39 6.54
N SER A 413 2.72 -18.63 6.60
CA SER A 413 4.02 -19.20 6.27
C SER A 413 5.08 -18.72 7.26
N ASN A 414 5.25 -19.45 8.36
CA ASN A 414 6.25 -19.08 9.35
C ASN A 414 7.63 -19.03 8.70
N GLY A 415 8.32 -17.91 8.86
CA GLY A 415 9.63 -17.71 8.25
C GLY A 415 9.58 -17.56 6.74
N GLY A 416 8.39 -17.49 6.17
CA GLY A 416 8.25 -17.46 4.72
C GLY A 416 8.75 -18.75 4.08
N SER A 417 8.83 -19.83 4.87
CA SER A 417 9.20 -21.13 4.32
C SER A 417 8.35 -22.25 4.95
N TYR A 418 7.14 -21.89 5.37
CA TYR A 418 6.18 -22.84 5.94
C TYR A 418 6.76 -23.66 7.09
N GLN A 419 7.53 -22.99 7.94
CA GLN A 419 8.09 -23.64 9.11
CA GLN A 419 8.11 -23.62 9.12
C GLN A 419 7.00 -23.94 10.14
N ALA A 420 7.22 -25.00 10.92
CA ALA A 420 6.26 -25.29 11.99
C ALA A 420 6.14 -24.08 12.91
N TRP A 421 4.92 -23.81 13.39
CA TRP A 421 4.71 -22.77 14.39
C TRP A 421 5.11 -23.27 15.76
N PRO A 422 5.80 -22.43 16.55
CA PRO A 422 6.13 -22.78 17.93
C PRO A 422 4.88 -23.11 18.73
N ALA A 423 4.97 -24.04 19.68
CA ALA A 423 3.84 -24.30 20.57
C ALA A 423 3.38 -23.01 21.21
N GLY A 424 2.07 -22.81 21.27
CA GLY A 424 1.52 -21.65 21.93
C GLY A 424 1.35 -20.47 21.00
N THR A 425 1.73 -20.64 19.73
CA THR A 425 1.51 -19.59 18.74
C THR A 425 0.03 -19.21 18.75
N ARG A 426 -0.23 -17.90 18.77
CA ARG A 426 -1.61 -17.43 18.76
C ARG A 426 -2.05 -17.28 17.32
N THR A 427 -3.27 -17.73 17.01
CA THR A 427 -3.65 -17.85 15.61
C THR A 427 -4.96 -17.18 15.26
N PHE A 428 -5.14 -16.95 13.96
CA PHE A 428 -6.34 -16.36 13.38
C PHE A 428 -6.69 -17.22 12.18
N TYR A 429 -7.75 -18.01 12.28
CA TYR A 429 -8.10 -18.94 11.20
C TYR A 429 -6.88 -19.74 10.72
N GLY A 430 -6.04 -20.13 11.67
CA GLY A 430 -4.93 -21.02 11.39
C GLY A 430 -3.62 -20.30 11.04
N MET A 431 -3.70 -18.98 10.86
CA MET A 431 -2.51 -18.16 10.58
C MET A 431 -1.86 -17.67 11.87
N GLY A 432 -0.53 -17.70 11.94
CA GLY A 432 0.16 -17.34 13.18
C GLY A 432 0.36 -15.84 13.30
N TYR A 433 0.20 -15.33 14.52
CA TYR A 433 0.42 -13.92 14.79
C TYR A 433 1.85 -13.47 14.43
N THR A 434 1.94 -12.33 13.75
CA THR A 434 3.22 -11.70 13.43
C THR A 434 3.19 -10.22 13.82
N PRO A 435 3.99 -9.81 14.81
CA PRO A 435 3.96 -8.40 15.23
C PRO A 435 4.39 -7.45 14.12
N HIS A 436 5.29 -7.92 13.27
CA HIS A 436 5.76 -7.09 12.16
C HIS A 436 5.74 -7.87 10.85
N PRO A 437 4.57 -7.91 10.19
CA PRO A 437 4.44 -8.65 8.93
C PRO A 437 5.52 -8.27 7.93
N VAL A 438 6.10 -9.27 7.29
CA VAL A 438 6.93 -9.12 6.08
C VAL A 438 8.30 -8.48 6.34
N TYR A 439 8.33 -7.33 7.03
CA TYR A 439 9.59 -6.58 7.20
C TYR A 439 9.93 -6.25 8.65
N GLU A 440 11.21 -6.30 8.97
CA GLU A 440 11.68 -5.99 10.31
C GLU A 440 12.78 -4.92 10.37
N ASP A 441 13.11 -4.31 9.22
CA ASP A 441 14.12 -3.24 9.15
C ASP A 441 13.62 -1.99 8.41
N PRO A 442 12.78 -1.17 9.06
CA PRO A 442 12.31 -1.34 10.44
C PRO A 442 11.08 -2.23 10.48
N GLY A 443 10.57 -2.53 11.68
CA GLY A 443 9.34 -3.30 11.79
C GLY A 443 8.22 -2.63 11.03
N SER A 444 7.47 -3.41 10.27
CA SER A 444 6.39 -2.88 9.43
C SER A 444 5.21 -2.35 10.23
N ASN A 445 5.17 -2.57 11.53
CA ASN A 445 4.12 -1.93 12.31
C ASN A 445 4.61 -0.88 13.29
N GLU A 446 5.82 -0.35 13.08
CA GLU A 446 6.33 0.73 13.91
CA GLU A 446 6.30 0.72 13.93
C GLU A 446 5.67 2.04 13.53
N TRP A 447 5.35 2.19 12.24
CA TRP A 447 4.78 3.45 11.73
C TRP A 447 3.33 3.66 12.12
N PHE A 448 3.05 4.77 12.79
CA PHE A 448 1.68 5.08 13.20
C PHE A 448 0.76 5.28 11.99
N GLY A 449 1.34 5.61 10.84
CA GLY A 449 0.52 5.86 9.66
C GLY A 449 -0.41 4.71 9.32
N MET A 450 0.02 3.46 9.54
CA MET A 450 -0.85 2.31 9.26
C MET A 450 -2.15 2.41 10.08
N GLN A 451 -2.04 2.92 11.30
CA GLN A 451 -3.21 3.06 12.15
C GLN A 451 -4.23 3.98 11.52
N ALA A 452 -3.78 5.17 11.13
CA ALA A 452 -4.68 6.17 10.53
C ALA A 452 -5.24 5.67 9.20
N TRP A 453 -4.35 5.23 8.30
CA TRP A 453 -4.79 4.80 6.97
C TRP A 453 -5.85 3.71 7.05
N SER A 454 -5.58 2.72 7.88
CA SER A 454 -6.43 1.56 7.89
C SER A 454 -7.71 1.81 8.69
N MET A 455 -7.60 2.50 9.82
CA MET A 455 -8.82 2.75 10.59
C MET A 455 -9.70 3.82 9.92
N GLN A 456 -9.12 4.64 9.05
CA GLN A 456 -9.96 5.54 8.25
C GLN A 456 -10.95 4.73 7.42
N ARG A 457 -10.48 3.60 6.90
CA ARG A 457 -11.33 2.76 6.06
C ARG A 457 -12.41 2.10 6.90
N VAL A 458 -12.04 1.66 8.11
CA VAL A 458 -13.03 1.07 9.02
C VAL A 458 -14.10 2.11 9.38
N ALA A 459 -13.65 3.33 9.62
CA ALA A 459 -14.57 4.41 9.99
C ALA A 459 -15.52 4.74 8.85
N GLU A 460 -14.97 4.87 7.64
CA GLU A 460 -15.80 5.16 6.48
C GLU A 460 -16.78 4.00 6.24
N TYR A 461 -16.28 2.78 6.41
CA TYR A 461 -17.14 1.60 6.31
C TYR A 461 -18.25 1.60 7.35
N TYR A 462 -17.91 1.93 8.58
CA TYR A 462 -18.91 1.96 9.66
C TYR A 462 -19.96 3.04 9.36
N TYR A 463 -19.53 4.20 8.90
CA TYR A 463 -20.50 5.23 8.53
CA TYR A 463 -20.47 5.25 8.51
C TYR A 463 -21.42 4.78 7.40
N SER A 464 -20.85 4.06 6.43
CA SER A 464 -21.62 3.65 5.25
C SER A 464 -22.57 2.47 5.50
N SER A 465 -22.11 1.50 6.29
CA SER A 465 -22.87 0.27 6.51
C SER A 465 -23.57 0.20 7.87
N LYS A 466 -23.07 0.99 8.81
CA LYS A 466 -23.42 0.91 10.21
C LYS A 466 -23.34 -0.53 10.77
N ASP A 467 -22.38 -1.30 10.27
CA ASP A 467 -22.11 -2.63 10.80
C ASP A 467 -21.78 -2.58 12.29
N PRO A 468 -22.62 -3.18 13.16
CA PRO A 468 -22.35 -3.09 14.60
C PRO A 468 -21.03 -3.75 15.00
N ALA A 469 -20.53 -4.66 14.16
CA ALA A 469 -19.27 -5.33 14.48
C ALA A 469 -18.09 -4.38 14.47
N ALA A 470 -18.24 -3.20 13.87
CA ALA A 470 -17.13 -2.25 13.82
C ALA A 470 -17.14 -1.25 14.97
N LYS A 471 -18.26 -1.19 15.73
CA LYS A 471 -18.42 -0.09 16.69
C LYS A 471 -17.42 -0.10 17.86
N SER A 472 -17.36 -1.20 18.61
CA SER A 472 -16.46 -1.21 19.77
C SER A 472 -15.01 -1.09 19.34
N LEU A 473 -14.68 -1.73 18.23
CA LEU A 473 -13.36 -1.59 17.60
C LEU A 473 -12.99 -0.11 17.41
N LEU A 474 -13.88 0.63 16.76
CA LEU A 474 -13.64 2.06 16.54
C LEU A 474 -13.67 2.86 17.85
N ASP A 475 -14.60 2.53 18.75
CA ASP A 475 -14.69 3.25 20.02
C ASP A 475 -13.35 3.19 20.73
N LYS A 476 -12.82 1.98 20.82
CA LYS A 476 -11.57 1.75 21.55
CA LYS A 476 -11.57 1.77 21.56
C LYS A 476 -10.37 2.37 20.83
N TRP A 477 -10.32 2.23 19.51
CA TRP A 477 -9.21 2.79 18.74
C TRP A 477 -9.23 4.32 18.85
N ALA A 478 -10.42 4.91 18.70
CA ALA A 478 -10.51 6.37 18.74
C ALA A 478 -10.10 6.95 20.11
N LYS A 479 -10.47 6.27 21.19
CA LYS A 479 -10.04 6.74 22.51
C LYS A 479 -8.51 6.75 22.58
N TRP A 480 -7.90 5.70 22.07
CA TRP A 480 -6.44 5.58 22.11
C TRP A 480 -5.81 6.64 21.21
N ALA A 481 -6.31 6.79 20.00
CA ALA A 481 -5.76 7.81 19.09
C ALA A 481 -5.88 9.22 19.67
N CYS A 482 -7.07 9.57 20.16
CA CYS A 482 -7.27 10.92 20.68
C CYS A 482 -6.40 11.18 21.92
N ALA A 483 -6.15 10.15 22.73
CA ALA A 483 -5.31 10.32 23.92
C ALA A 483 -3.86 10.58 23.54
N ASN A 484 -3.53 10.31 22.27
CA ASN A 484 -2.16 10.46 21.81
C ASN A 484 -1.98 11.57 20.79
N VAL A 485 -2.98 12.44 20.69
CA VAL A 485 -2.82 13.68 19.94
C VAL A 485 -2.47 14.77 20.94
N GLN A 486 -1.31 15.38 20.78
CA GLN A 486 -0.84 16.38 21.73
C GLN A 486 -0.98 17.77 21.14
N PHE A 487 -1.99 18.51 21.60
CA PHE A 487 -2.21 19.85 21.07
C PHE A 487 -1.44 20.89 21.85
N ASP A 488 -0.84 21.83 21.12
CA ASP A 488 -0.34 23.06 21.72
C ASP A 488 -1.29 24.17 21.24
N ASP A 489 -2.29 24.48 22.05
CA ASP A 489 -3.33 25.40 21.61
C ASP A 489 -2.82 26.83 21.41
N ALA A 490 -1.85 27.24 22.21
CA ALA A 490 -1.29 28.58 22.08
C ALA A 490 -0.57 28.76 20.73
N ALA A 491 0.16 27.72 20.32
CA ALA A 491 0.92 27.76 19.08
C ALA A 491 0.08 27.34 17.87
N LYS A 492 -1.08 26.76 18.14
CA LYS A 492 -1.92 26.15 17.11
C LYS A 492 -1.11 25.11 16.35
N LYS A 493 -0.45 24.25 17.12
CA LYS A 493 0.31 23.16 16.55
C LYS A 493 0.00 21.89 17.30
N PHE A 494 0.50 20.76 16.82
CA PHE A 494 0.25 19.49 17.49
C PHE A 494 1.33 18.49 17.17
N LYS A 495 1.34 17.39 17.91
CA LYS A 495 2.14 16.22 17.57
C LYS A 495 1.24 14.99 17.65
N ILE A 496 1.55 13.98 16.85
CA ILE A 496 0.83 12.71 16.89
C ILE A 496 1.87 11.61 16.99
N PRO A 497 1.45 10.35 17.27
CA PRO A 497 2.50 9.34 17.38
C PRO A 497 3.26 9.16 16.08
N ALA A 498 4.56 8.92 16.21
CA ALA A 498 5.39 8.63 15.04
C ALA A 498 5.74 7.15 15.01
N LYS A 499 6.25 6.66 16.15
CA LYS A 499 6.75 5.30 16.25
CA LYS A 499 6.78 5.32 16.27
C LYS A 499 6.08 4.53 17.39
N LEU A 500 5.69 3.30 17.08
CA LEU A 500 5.01 2.42 18.02
C LEU A 500 5.86 1.20 18.35
N VAL A 501 5.79 0.74 19.59
CA VAL A 501 6.48 -0.47 20.02
CA VAL A 501 6.48 -0.48 20.00
C VAL A 501 5.47 -1.45 20.57
N TRP A 502 5.58 -2.71 20.15
CA TRP A 502 4.62 -3.75 20.48
C TRP A 502 5.21 -4.82 21.36
N THR A 503 4.42 -5.30 22.31
CA THR A 503 4.80 -6.48 23.06
C THR A 503 3.62 -7.42 23.23
N GLY A 504 3.92 -8.68 23.48
CA GLY A 504 2.86 -9.63 23.74
C GLY A 504 2.20 -10.18 22.50
N GLN A 505 0.99 -10.67 22.68
CA GLN A 505 0.27 -11.40 21.64
CA GLN A 505 0.28 -11.40 21.64
C GLN A 505 -1.21 -11.41 21.95
N PRO A 506 -2.05 -11.46 20.91
CA PRO A 506 -3.50 -11.55 21.13
C PRO A 506 -3.92 -12.93 21.61
N ASP A 507 -5.11 -13.06 22.17
CA ASP A 507 -5.70 -14.39 22.35
C ASP A 507 -6.04 -14.99 20.98
N THR A 508 -5.86 -16.29 20.82
CA THR A 508 -6.28 -16.94 19.57
C THR A 508 -7.75 -16.61 19.28
N TRP A 509 -8.06 -16.32 18.02
CA TRP A 509 -9.43 -15.92 17.69
C TRP A 509 -10.41 -17.10 17.76
N THR A 510 -11.43 -16.91 18.58
CA THR A 510 -12.50 -17.88 18.71
C THR A 510 -13.85 -17.26 18.32
N GLY A 511 -13.84 -16.06 17.75
CA GLY A 511 -15.07 -15.46 17.24
C GLY A 511 -15.54 -14.16 17.87
N SER A 512 -15.01 -13.84 19.04
CA SER A 512 -15.32 -12.55 19.65
C SER A 512 -14.10 -11.97 20.34
N TYR A 513 -14.06 -10.64 20.36
CA TYR A 513 -12.97 -9.89 20.99
C TYR A 513 -12.86 -10.24 22.47
N THR A 514 -11.63 -10.33 22.97
CA THR A 514 -11.36 -10.65 24.38
C THR A 514 -10.78 -9.50 25.21
N GLY A 515 -10.44 -8.41 24.56
CA GLY A 515 -9.76 -7.32 25.21
C GLY A 515 -8.26 -7.46 25.12
N ASN A 516 -7.79 -8.65 24.71
CA ASN A 516 -6.35 -8.90 24.47
C ASN A 516 -5.46 -8.31 25.56
N SER A 517 -5.68 -8.75 26.79
CA SER A 517 -5.00 -8.17 27.95
CA SER A 517 -5.00 -8.17 27.95
C SER A 517 -3.48 -8.28 27.91
N ASN A 518 -2.96 -9.18 27.08
CA ASN A 518 -1.52 -9.41 27.04
CA ASN A 518 -1.52 -9.42 27.04
C ASN A 518 -0.91 -8.92 25.74
N LEU A 519 -1.63 -8.09 25.02
CA LEU A 519 -1.12 -7.48 23.79
C LEU A 519 -1.02 -5.98 23.98
N HIS A 520 0.17 -5.40 23.84
CA HIS A 520 0.37 -4.02 24.22
C HIS A 520 1.07 -3.16 23.19
N VAL A 521 0.64 -1.91 23.09
CA VAL A 521 1.36 -0.93 22.28
C VAL A 521 1.77 0.25 23.14
N LYS A 522 2.99 0.75 22.91
CA LYS A 522 3.47 1.96 23.57
C LYS A 522 3.86 2.93 22.47
N VAL A 523 3.56 4.21 22.66
CA VAL A 523 4.06 5.21 21.72
C VAL A 523 5.49 5.58 22.13
N GLU A 524 6.47 5.32 21.25
CA GLU A 524 7.87 5.56 21.59
C GLU A 524 8.31 6.98 21.23
N ALA A 525 7.68 7.54 20.22
CA ALA A 525 8.04 8.90 19.78
C ALA A 525 6.86 9.59 19.16
N TYR A 526 6.80 10.91 19.34
CA TYR A 526 5.76 11.73 18.72
C TYR A 526 6.40 12.61 17.67
N GLY A 527 5.59 13.08 16.71
CA GLY A 527 6.13 13.91 15.65
C GLY A 527 5.06 14.67 14.90
N GLU A 528 5.45 15.28 13.77
CA GLU A 528 4.52 16.11 13.01
C GLU A 528 4.36 15.59 11.57
N ASP A 529 3.93 14.33 11.43
CA ASP A 529 3.68 13.81 10.10
C ASP A 529 2.32 14.32 9.67
N LEU A 530 2.33 15.35 8.83
CA LEU A 530 1.06 16.04 8.53
C LEU A 530 0.15 15.23 7.62
N GLY A 531 0.71 14.38 6.76
CA GLY A 531 -0.13 13.51 5.94
C GLY A 531 -0.89 12.52 6.82
N VAL A 532 -0.19 11.93 7.79
CA VAL A 532 -0.82 10.99 8.70
C VAL A 532 -1.85 11.75 9.53
N ALA A 533 -1.53 12.98 9.94
CA ALA A 533 -2.51 13.77 10.68
C ALA A 533 -3.78 14.01 9.87
N GLY A 534 -3.62 14.27 8.56
CA GLY A 534 -4.79 14.41 7.70
C GLY A 534 -5.62 13.11 7.67
N SER A 535 -4.95 11.99 7.48
CA SER A 535 -5.65 10.69 7.50
C SER A 535 -6.39 10.47 8.83
N LEU A 536 -5.72 10.79 9.94
CA LEU A 536 -6.32 10.64 11.27
C LEU A 536 -7.58 11.49 11.39
N SER A 537 -7.52 12.75 10.93
CA SER A 537 -8.71 13.59 10.92
C SER A 537 -9.85 12.94 10.13
N ASN A 538 -9.52 12.42 8.96
CA ASN A 538 -10.50 11.75 8.09
C ASN A 538 -11.17 10.62 8.88
N ALA A 539 -10.36 9.78 9.51
CA ALA A 539 -10.88 8.66 10.29
C ALA A 539 -11.81 9.16 11.40
N LEU A 540 -11.37 10.17 12.14
CA LEU A 540 -12.17 10.67 13.25
C LEU A 540 -13.45 11.34 12.78
N SER A 541 -13.39 12.00 11.62
CA SER A 541 -14.60 12.61 11.04
C SER A 541 -15.66 11.56 10.72
N TYR A 542 -15.27 10.49 10.02
CA TYR A 542 -16.24 9.45 9.70
C TYR A 542 -16.76 8.75 10.95
N TYR A 543 -15.87 8.52 11.91
CA TYR A 543 -16.27 7.88 13.16
C TYR A 543 -17.29 8.74 13.88
N ALA A 544 -16.98 10.04 14.04
CA ALA A 544 -17.94 10.93 14.69
C ALA A 544 -19.26 10.96 13.92
N LYS A 545 -19.20 11.12 12.60
CA LYS A 545 -20.46 11.22 11.86
C LYS A 545 -21.30 9.95 12.04
N ALA A 546 -20.63 8.80 12.10
CA ALA A 546 -21.33 7.53 12.31
C ALA A 546 -22.03 7.49 13.67
N LEU A 547 -21.43 8.16 14.66
CA LEU A 547 -22.02 8.22 16.00
C LEU A 547 -23.12 9.26 16.13
N GLU A 548 -23.29 10.09 15.11
CA GLU A 548 -24.17 11.23 15.23
C GLU A 548 -25.62 10.83 15.51
N SER A 549 -26.02 9.68 15.00
CA SER A 549 -27.40 9.22 15.17
C SER A 549 -27.59 8.50 16.51
N SER A 550 -26.52 8.29 17.26
CA SER A 550 -26.68 7.62 18.54
C SER A 550 -27.34 8.51 19.58
N THR A 551 -28.19 7.93 20.39
CA THR A 551 -28.78 8.67 21.51
CA THR A 551 -28.82 8.58 21.49
C THR A 551 -28.15 8.27 22.84
N ASP A 552 -27.19 7.37 22.79
CA ASP A 552 -26.48 6.95 23.99
C ASP A 552 -25.57 8.05 24.52
N ALA A 553 -25.63 8.31 25.83
CA ALA A 553 -24.90 9.43 26.42
C ALA A 553 -23.39 9.33 26.21
N ALA A 554 -22.85 8.13 26.36
CA ALA A 554 -21.40 7.93 26.19
C ALA A 554 -21.01 8.12 24.73
N ASP A 555 -21.85 7.67 23.80
CA ASP A 555 -21.57 7.91 22.39
C ASP A 555 -21.53 9.41 22.08
N LYS A 556 -22.38 10.21 22.73
CA LYS A 556 -22.41 11.65 22.46
CA LYS A 556 -22.39 11.65 22.47
C LYS A 556 -21.10 12.29 22.91
N VAL A 557 -20.57 11.83 24.04
CA VAL A 557 -19.28 12.32 24.52
C VAL A 557 -18.18 11.97 23.51
N ALA A 558 -18.20 10.72 23.02
CA ALA A 558 -17.20 10.28 22.06
C ALA A 558 -17.32 11.05 20.74
N TYR A 559 -18.57 11.32 20.34
CA TYR A 559 -18.85 12.11 19.15
C TYR A 559 -18.18 13.48 19.28
N ASN A 560 -18.44 14.14 20.40
CA ASN A 560 -17.85 15.46 20.61
C ASN A 560 -16.34 15.43 20.60
N THR A 561 -15.75 14.44 21.26
CA THR A 561 -14.30 14.37 21.35
C THR A 561 -13.68 14.11 19.99
N ALA A 562 -14.23 13.15 19.25
CA ALA A 562 -13.67 12.81 17.96
C ALA A 562 -13.83 13.97 16.98
N LYS A 563 -15.03 14.55 16.95
CA LYS A 563 -15.30 15.66 16.03
C LYS A 563 -14.40 16.86 16.31
N GLU A 564 -14.28 17.23 17.59
CA GLU A 564 -13.44 18.37 17.98
CA GLU A 564 -13.44 18.37 17.97
C GLU A 564 -11.97 18.11 17.69
N THR A 565 -11.53 16.88 17.91
CA THR A 565 -10.12 16.52 17.66
C THR A 565 -9.83 16.62 16.16
N SER A 566 -10.74 16.08 15.36
CA SER A 566 -10.61 16.19 13.90
C SER A 566 -10.58 17.65 13.47
N ARG A 567 -11.51 18.44 13.96
CA ARG A 567 -11.60 19.84 13.56
C ARG A 567 -10.34 20.61 13.95
N LYS A 568 -9.83 20.34 15.15
CA LYS A 568 -8.64 21.07 15.62
CA LYS A 568 -8.63 21.05 15.62
C LYS A 568 -7.41 20.69 14.80
N ILE A 569 -7.28 19.42 14.45
CA ILE A 569 -6.20 19.02 13.54
C ILE A 569 -6.29 19.84 12.24
N LEU A 570 -7.47 19.88 11.64
CA LEU A 570 -7.63 20.64 10.39
C LEU A 570 -7.37 22.14 10.60
N ASP A 571 -7.90 22.70 11.67
CA ASP A 571 -7.72 24.13 11.92
C ASP A 571 -6.24 24.46 12.10
N TYR A 572 -5.50 23.60 12.79
CA TYR A 572 -4.11 23.90 13.08
C TYR A 572 -3.23 23.64 11.85
N LEU A 573 -3.57 22.63 11.07
CA LEU A 573 -2.90 22.43 9.76
C LEU A 573 -3.02 23.70 8.94
N TRP A 574 -4.23 24.25 8.87
CA TRP A 574 -4.46 25.43 8.06
C TRP A 574 -3.78 26.67 8.64
N ALA A 575 -3.86 26.83 9.96
CA ALA A 575 -3.33 28.01 10.62
C ALA A 575 -1.81 28.10 10.59
N SER A 576 -1.15 26.94 10.72
CA SER A 576 0.25 26.96 11.12
C SER A 576 1.23 26.26 10.20
N TYR A 577 0.74 25.49 9.24
CA TYR A 577 1.64 24.64 8.48
C TYR A 577 1.58 24.85 6.96
N GLN A 578 0.93 25.92 6.51
CA GLN A 578 0.85 26.14 5.07
C GLN A 578 2.18 26.62 4.51
N ASP A 579 2.51 26.18 3.29
CA ASP A 579 3.58 26.79 2.54
C ASP A 579 3.16 26.90 1.07
N ASP A 580 4.05 27.34 0.19
CA ASP A 580 3.62 27.65 -1.16
C ASP A 580 3.05 26.44 -1.91
N LYS A 581 3.63 25.28 -1.65
CA LYS A 581 3.25 24.07 -2.39
C LYS A 581 2.11 23.28 -1.75
N GLY A 582 1.81 23.55 -0.48
CA GLY A 582 0.78 22.76 0.18
C GLY A 582 0.78 23.02 1.67
N ILE A 583 0.82 21.94 2.44
CA ILE A 583 0.87 22.02 3.90
C ILE A 583 1.96 21.05 4.34
N ALA A 584 3.01 21.58 4.97
CA ALA A 584 4.21 20.79 5.21
C ALA A 584 5.02 21.36 6.36
N VAL A 585 5.96 20.57 6.84
CA VAL A 585 6.82 21.02 7.93
C VAL A 585 8.15 20.26 7.84
N THR A 586 9.21 20.82 8.40
CA THR A 586 10.50 20.12 8.40
CA THR A 586 10.49 20.11 8.39
C THR A 586 10.42 18.78 9.12
N GLU A 587 11.14 17.79 8.62
CA GLU A 587 11.32 16.53 9.33
C GLU A 587 12.79 16.19 9.34
N THR A 588 13.26 15.55 10.40
CA THR A 588 14.67 15.18 10.47
C THR A 588 14.83 13.72 10.09
N ARG A 589 15.70 13.45 9.12
CA ARG A 589 15.90 12.09 8.64
C ARG A 589 17.24 11.55 9.09
N ASN A 590 17.30 11.04 10.32
CA ASN A 590 18.54 10.46 10.81
C ASN A 590 18.91 9.20 10.04
N ASP A 591 17.92 8.58 9.43
CA ASP A 591 18.13 7.33 8.69
C ASP A 591 18.91 7.56 7.39
N PHE A 592 19.05 8.81 6.94
CA PHE A 592 19.78 9.06 5.70
C PHE A 592 21.27 8.75 5.84
N LYS A 593 21.74 8.42 7.04
CA LYS A 593 23.11 7.94 7.17
C LYS A 593 23.30 6.65 6.34
N ARG A 594 22.17 5.99 6.05
CA ARG A 594 22.18 4.73 5.35
C ARG A 594 22.38 4.90 3.84
N PHE A 595 22.67 6.12 3.38
CA PHE A 595 23.08 6.28 1.98
C PHE A 595 24.35 5.46 1.73
N ASN A 596 25.15 5.25 2.77
CA ASN A 596 26.35 4.43 2.65
C ASN A 596 26.16 2.99 3.12
N GLN A 597 24.89 2.59 3.26
CA GLN A 597 24.52 1.23 3.68
C GLN A 597 25.10 0.18 2.77
N SER A 598 25.74 -0.84 3.33
CA SER A 598 26.26 -1.94 2.52
CA SER A 598 26.26 -1.93 2.51
C SER A 598 25.12 -2.71 1.86
N VAL A 599 25.30 -3.03 0.58
CA VAL A 599 24.33 -3.84 -0.16
C VAL A 599 24.93 -5.22 -0.42
N TYR A 600 24.24 -6.28 -0.02
CA TYR A 600 24.76 -7.61 -0.24
C TYR A 600 24.77 -7.94 -1.73
N ILE A 601 25.93 -8.39 -2.22
CA ILE A 601 26.05 -8.94 -3.57
C ILE A 601 26.80 -10.25 -3.43
N PRO A 602 26.30 -11.33 -4.07
CA PRO A 602 27.00 -12.62 -3.93
C PRO A 602 28.45 -12.54 -4.38
N SER A 603 29.31 -13.29 -3.69
CA SER A 603 30.70 -13.39 -4.07
CA SER A 603 30.70 -13.38 -4.08
C SER A 603 30.80 -13.79 -5.54
N GLY A 604 31.65 -13.09 -6.28
CA GLY A 604 31.84 -13.42 -7.68
C GLY A 604 30.81 -12.86 -8.64
N TRP A 605 29.74 -12.27 -8.12
CA TRP A 605 28.73 -11.66 -8.98
C TRP A 605 29.11 -10.25 -9.36
N THR A 606 29.09 -9.96 -10.67
CA THR A 606 29.36 -8.60 -11.12
C THR A 606 28.30 -8.16 -12.11
N GLY A 607 28.03 -6.85 -12.11
CA GLY A 607 27.08 -6.30 -13.03
C GLY A 607 27.23 -4.80 -13.10
N LYS A 608 26.36 -4.16 -13.88
CA LYS A 608 26.36 -2.71 -13.99
C LYS A 608 24.95 -2.17 -14.05
N MET A 609 24.76 -0.99 -13.46
CA MET A 609 23.50 -0.27 -13.63
C MET A 609 23.52 0.38 -15.02
N PRO A 610 22.37 0.87 -15.50
CA PRO A 610 22.33 1.48 -16.83
C PRO A 610 23.30 2.65 -17.01
N ASN A 611 23.52 3.44 -15.96
CA ASN A 611 24.47 4.55 -16.08
C ASN A 611 25.93 4.13 -15.95
N GLY A 612 26.15 2.82 -15.79
CA GLY A 612 27.51 2.31 -15.70
C GLY A 612 28.01 2.05 -14.29
N ASP A 613 27.22 2.42 -13.27
CA ASP A 613 27.65 2.16 -11.89
C ASP A 613 27.96 0.68 -11.74
N VAL A 614 29.11 0.37 -11.17
CA VAL A 614 29.54 -1.01 -11.02
C VAL A 614 28.83 -1.67 -9.83
N ILE A 615 28.25 -2.84 -10.06
CA ILE A 615 27.58 -3.60 -9.00
C ILE A 615 28.45 -4.80 -8.66
N GLN A 616 29.03 -4.84 -7.48
CA GLN A 616 29.82 -5.98 -7.04
C GLN A 616 29.90 -5.99 -5.53
N SER A 617 30.47 -7.04 -4.94
CA SER A 617 30.62 -7.08 -3.49
CA SER A 617 30.65 -7.09 -3.48
C SER A 617 31.30 -5.79 -3.03
N GLY A 618 30.82 -5.24 -1.92
CA GLY A 618 31.31 -3.95 -1.45
C GLY A 618 30.40 -2.81 -1.87
N ALA A 619 29.35 -3.12 -2.62
CA ALA A 619 28.40 -2.10 -3.05
C ALA A 619 27.72 -1.43 -1.87
N THR A 620 27.25 -0.21 -2.10
CA THR A 620 26.44 0.51 -1.13
C THR A 620 25.22 1.06 -1.84
N PHE A 621 24.24 1.54 -1.06
CA PHE A 621 23.05 2.18 -1.63
C PHE A 621 23.46 3.26 -2.63
N LEU A 622 24.41 4.08 -2.22
CA LEU A 622 24.85 5.18 -3.07
C LEU A 622 25.74 4.75 -4.25
N SER A 623 26.55 3.70 -4.06
CA SER A 623 27.50 3.34 -5.12
C SER A 623 26.79 2.83 -6.37
N ILE A 624 25.57 2.30 -6.21
CA ILE A 624 24.79 1.85 -7.37
C ILE A 624 23.70 2.87 -7.75
N ARG A 625 23.76 4.06 -7.14
CA ARG A 625 22.84 5.14 -7.46
C ARG A 625 23.62 6.46 -7.52
N SER A 626 24.68 6.47 -8.30
CA SER A 626 25.56 7.66 -8.30
C SER A 626 24.84 8.91 -8.80
N LYS A 627 23.74 8.77 -9.53
CA LYS A 627 22.99 9.97 -9.93
C LYS A 627 22.48 10.75 -8.72
N TYR A 628 22.42 10.12 -7.55
CA TYR A 628 22.01 10.88 -6.35
C TYR A 628 22.97 12.04 -6.09
N LYS A 629 24.24 11.88 -6.47
CA LYS A 629 25.20 12.94 -6.23
C LYS A 629 24.99 14.14 -7.17
N GLN A 630 24.10 13.97 -8.15
CA GLN A 630 23.73 15.03 -9.08
C GLN A 630 22.50 15.80 -8.60
N ASP A 631 21.89 15.31 -7.54
CA ASP A 631 20.68 15.92 -6.99
C ASP A 631 21.01 17.27 -6.36
N PRO A 632 20.12 18.27 -6.53
CA PRO A 632 20.38 19.57 -5.92
C PRO A 632 20.42 19.52 -4.39
N SER A 633 19.83 18.51 -3.77
CA SER A 633 19.86 18.41 -2.31
C SER A 633 21.11 17.66 -1.82
N TRP A 634 21.92 17.15 -2.75
CA TRP A 634 23.02 16.28 -2.33
C TRP A 634 24.07 16.97 -1.43
N PRO A 635 24.52 18.20 -1.79
CA PRO A 635 25.53 18.83 -0.93
C PRO A 635 25.10 18.92 0.54
N ASN A 636 23.83 19.24 0.79
CA ASN A 636 23.31 19.29 2.15
C ASN A 636 23.43 17.93 2.84
N VAL A 637 23.06 16.88 2.11
CA VAL A 637 23.15 15.51 2.62
C VAL A 637 24.59 15.16 2.94
N GLU A 638 25.50 15.47 2.01
CA GLU A 638 26.88 15.06 2.12
C GLU A 638 27.57 15.78 3.28
N ALA A 639 27.18 17.02 3.53
CA ALA A 639 27.67 17.78 4.69
C ALA A 639 27.18 17.14 5.97
N ALA A 640 25.88 16.81 6.00
CA ALA A 640 25.28 16.19 7.14
C ALA A 640 25.95 14.87 7.52
N LEU A 641 26.20 14.05 6.51
CA LEU A 641 26.86 12.78 6.73
C LEU A 641 28.23 13.15 7.24
N ALA A 642 28.77 14.27 6.75
CA ALA A 642 30.10 14.64 7.15
C ALA A 642 30.19 14.99 8.61
N ASN A 643 29.34 15.87 9.12
CA ASN A 643 29.49 16.09 10.59
C ASN A 643 28.40 15.38 11.48
N GLY A 644 27.96 14.20 10.98
CA GLY A 644 27.12 13.29 11.77
C GLY A 644 25.85 13.89 12.31
N THR A 645 24.99 14.24 11.38
CA THR A 645 23.71 14.80 11.71
C THR A 645 22.64 14.11 10.92
N GLY A 646 21.41 14.28 11.35
CA GLY A 646 20.28 13.89 10.54
C GLY A 646 20.09 14.99 9.52
N VAL A 647 19.39 14.63 8.45
CA VAL A 647 19.14 15.54 7.35
C VAL A 647 17.76 16.16 7.52
N ASP A 648 17.69 17.49 7.51
CA ASP A 648 16.40 18.16 7.59
C ASP A 648 15.88 18.37 6.19
N MET A 649 14.62 17.98 5.98
CA MET A 649 13.96 18.10 4.69
C MET A 649 12.53 18.54 4.90
N THR A 650 11.99 19.33 3.97
CA THR A 650 10.55 19.63 3.99
C THR A 650 9.91 18.96 2.79
N TYR A 651 9.05 17.98 3.04
CA TYR A 651 8.51 17.18 1.94
C TYR A 651 7.05 17.47 1.64
N HIS A 652 6.73 17.43 0.35
CA HIS A 652 5.35 17.44 -0.12
C HIS A 652 5.10 16.11 -0.83
N ARG A 653 4.74 15.11 -0.04
CA ARG A 653 4.37 13.80 -0.58
C ARG A 653 3.00 13.90 -1.22
N PHE A 654 2.83 13.33 -2.41
CA PHE A 654 1.55 13.45 -3.06
C PHE A 654 0.44 12.84 -2.20
N TRP A 655 0.69 11.65 -1.65
CA TRP A 655 -0.35 11.03 -0.82
C TRP A 655 -0.65 11.88 0.41
N GLY A 656 0.39 12.51 0.95
CA GLY A 656 0.23 13.29 2.18
C GLY A 656 -0.59 14.54 1.93
N GLN A 657 -0.27 15.24 0.84
CA GLN A 657 -1.04 16.42 0.49
C GLN A 657 -2.47 16.03 0.15
N SER A 658 -2.63 14.87 -0.50
CA SER A 658 -3.96 14.36 -0.81
C SER A 658 -4.75 14.01 0.46
N ASP A 659 -4.12 13.30 1.40
CA ASP A 659 -4.80 12.97 2.67
C ASP A 659 -5.25 14.26 3.37
N ILE A 660 -4.40 15.29 3.35
CA ILE A 660 -4.78 16.54 4.02
C ILE A 660 -5.96 17.19 3.30
N ALA A 661 -5.85 17.31 1.98
CA ALA A 661 -6.95 17.90 1.21
C ALA A 661 -8.25 17.14 1.43
N ILE A 662 -8.17 15.82 1.29
CA ILE A 662 -9.37 14.98 1.43
C ILE A 662 -9.95 15.08 2.84
N ALA A 663 -9.10 15.23 3.85
CA ALA A 663 -9.61 15.43 5.21
C ALA A 663 -10.40 16.74 5.33
N PHE A 664 -9.91 17.81 4.71
CA PHE A 664 -10.69 19.07 4.71
C PHE A 664 -12.05 18.83 4.07
N GLY A 665 -12.04 18.21 2.88
CA GLY A 665 -13.28 17.99 2.14
C GLY A 665 -14.24 17.10 2.91
N THR A 666 -13.68 16.11 3.60
CA THR A 666 -14.48 15.17 4.39
C THR A 666 -15.21 15.89 5.53
N TYR A 667 -14.46 16.66 6.31
CA TYR A 667 -15.07 17.39 7.42
C TYR A 667 -16.14 18.35 6.88
N GLY A 668 -15.80 19.03 5.78
CA GLY A 668 -16.69 20.01 5.18
C GLY A 668 -17.98 19.44 4.63
N THR A 669 -17.95 18.16 4.24
CA THR A 669 -19.10 17.45 3.67
CA THR A 669 -19.15 17.53 3.69
C THR A 669 -19.98 16.81 4.76
N LEU A 670 -19.33 16.26 5.77
CA LEU A 670 -20.07 15.51 6.80
C LEU A 670 -20.74 16.42 7.84
N PHE A 671 -20.12 17.56 8.11
CA PHE A 671 -20.60 18.46 9.16
C PHE A 671 -20.95 19.81 8.54
N THR A 672 -22.17 19.94 8.05
CA THR A 672 -22.62 21.17 7.41
C THR A 672 -23.42 22.05 8.38
C1 GLC B . 8.14 7.83 8.21
C2 GLC B . 7.92 6.33 8.03
C3 GLC B . 7.79 5.94 6.56
C4 GLC B . 6.77 6.85 5.89
C5 GLC B . 7.07 8.34 6.12
C6 GLC B . 5.99 9.26 5.59
O1 GLC B . 9.45 8.19 7.73
O2 GLC B . 9.02 5.60 8.57
O3 GLC B . 7.40 4.55 6.53
O4 GLC B . 6.79 6.60 4.48
O5 GLC B . 7.16 8.62 7.53
O6 GLC B . 4.75 9.07 6.31
C2 BGC B . 5.59 6.17 2.48
C3 BGC B . 4.39 5.44 1.90
C4 BGC B . 4.37 3.98 2.38
C5 BGC B . 4.46 3.95 3.90
C6 BGC B . 4.49 2.53 4.46
C1 BGC B . 5.60 6.02 4.00
O2 BGC B . 5.56 7.57 2.16
O3 BGC B . 4.51 5.45 0.47
O4 BGC B . 3.18 3.33 1.95
O5 BGC B . 5.64 4.64 4.32
O6 BGC B . 5.57 1.78 3.89
C2 BGC C . 5.81 -2.66 -0.07
C3 BGC C . 6.80 -3.63 -0.70
C4 BGC C . 6.16 -4.53 -1.75
C5 BGC C . 5.32 -3.68 -2.70
C6 BGC C . 4.49 -4.54 -3.64
C1 BGC C . 5.08 -1.90 -1.17
O1 BGC C . 4.09 -1.03 -0.63
O2 BGC C . 6.48 -1.74 0.78
O3 BGC C . 7.38 -4.44 0.32
O4 BGC C . 7.20 -5.13 -2.51
O5 BGC C . 4.41 -2.87 -1.97
O6 BGC C . 3.70 -5.42 -2.83
C2 BGC C . 8.20 -6.92 -3.68
C3 BGC C . 8.19 -8.43 -3.87
C4 BGC C . 8.63 -9.05 -2.55
C5 BGC C . 7.67 -8.58 -1.46
C6 BGC C . 7.96 -9.19 -0.08
C1 BGC C . 7.22 -6.54 -2.58
O2 BGC C . 7.84 -6.27 -4.91
O3 BGC C . 9.08 -8.80 -4.93
O4 BGC C . 8.63 -10.47 -2.70
O5 BGC C . 7.68 -7.14 -1.36
O6 BGC C . 9.19 -8.69 0.44
C2 BGC D . 11.52 -16.38 -11.24
C3 BGC D . 10.85 -17.29 -12.26
C4 BGC D . 9.97 -18.31 -11.55
C5 BGC D . 9.02 -17.62 -10.56
C6 BGC D . 8.28 -18.65 -9.70
C1 BGC D . 10.45 -15.71 -10.41
O1 BGC D . 11.03 -14.78 -9.48
O2 BGC D . 12.35 -15.42 -11.89
O3 BGC D . 11.82 -17.98 -13.06
O4 BGC D . 9.15 -18.93 -12.52
O5 BGC D . 9.72 -16.72 -9.70
O6 BGC D . 7.59 -19.62 -10.50
C2 BGC D . 8.26 -20.91 -13.38
C3 BGC D . 8.53 -22.15 -14.20
C4 BGC D . 9.39 -21.72 -15.38
C5 BGC D . 10.71 -21.17 -14.86
C6 BGC D . 11.57 -20.75 -16.05
C1 BGC D . 9.55 -20.22 -12.94
O2 BGC D . 7.46 -21.25 -12.23
O3 BGC D . 7.29 -22.71 -14.66
O4 BGC D . 9.62 -22.81 -16.28
O5 BGC D . 10.49 -20.04 -14.02
O6 BGC D . 12.68 -20.00 -15.58
C1 EDO E . 7.93 22.76 -11.60
O1 EDO E . 8.93 22.28 -10.71
C2 EDO E . 8.03 24.28 -11.67
O2 EDO E . 8.76 24.83 -10.56
CA CA F . 18.56 -5.06 7.11
CA CA G . 8.21 10.67 -17.69
#